data_8RI3
# 
_entry.id   8RI3 
# 
_audit_conform.dict_name       mmcif_pdbx.dic 
_audit_conform.dict_version    5.387 
_audit_conform.dict_location   http://mmcif.pdb.org/dictionaries/ascii/mmcif_pdbx.dic 
# 
loop_
_database_2.database_id 
_database_2.database_code 
_database_2.pdbx_database_accession 
_database_2.pdbx_DOI 
PDB   8RI3         pdb_00008ri3 10.2210/pdb8ri3/pdb 
WWPDB D_1292135442 ?            ?                   
# 
_pdbx_audit_revision_history.ordinal             1 
_pdbx_audit_revision_history.data_content_type   'Structure model' 
_pdbx_audit_revision_history.major_revision      1 
_pdbx_audit_revision_history.minor_revision      0 
_pdbx_audit_revision_history.revision_date       2024-02-28 
# 
_pdbx_audit_revision_details.ordinal             1 
_pdbx_audit_revision_details.revision_ordinal    1 
_pdbx_audit_revision_details.data_content_type   'Structure model' 
_pdbx_audit_revision_details.provider            repository 
_pdbx_audit_revision_details.type                'Initial release' 
_pdbx_audit_revision_details.description         ? 
_pdbx_audit_revision_details.details             ? 
# 
_pdbx_database_status.status_code                     REL 
_pdbx_database_status.status_code_sf                  REL 
_pdbx_database_status.status_code_mr                  ? 
_pdbx_database_status.entry_id                        8RI3 
_pdbx_database_status.recvd_initial_deposition_date   2023-12-18 
_pdbx_database_status.SG_entry                        N 
_pdbx_database_status.deposit_site                    PDBE 
_pdbx_database_status.process_site                    PDBE 
_pdbx_database_status.status_code_cs                  ? 
_pdbx_database_status.status_code_nmr_data            ? 
_pdbx_database_status.methods_development_category    ? 
_pdbx_database_status.pdb_format_compatible           Y 
# 
loop_
_pdbx_contact_author.id 
_pdbx_contact_author.email 
_pdbx_contact_author.name_first 
_pdbx_contact_author.name_last 
_pdbx_contact_author.name_mi 
_pdbx_contact_author.role 
_pdbx_contact_author.identifier_ORCID 
3 giarita.ferraro@unina.it Giarita   Ferraro ? 'principal investigator/group leader' 0000-0001-9385-2429 
4 gabriella.tito@unina.it  Gabriella Tito    ? 'principal investigator/group leader' 0000-0001-5682-3100 
# 
loop_
_audit_author.name 
_audit_author.pdbx_ordinal 
_audit_author.identifier_ORCID 
'Tito, G.'    1 ? 
'Troisi, R.'  2 ? 
'Ferraro, G.' 3 ? 
'Sica, F.'    4 ? 
'Merlino, A.' 5 ? 
# 
_citation.abstract                  ? 
_citation.abstract_id_CAS           ? 
_citation.book_id_ISBN              ? 
_citation.book_publisher            ? 
_citation.book_publisher_city       ? 
_citation.book_title                ? 
_citation.coordinate_linkage        ? 
_citation.country                   UK 
_citation.database_id_Medline       ? 
_citation.details                   ? 
_citation.id                        primary 
_citation.journal_abbrev            'Dalton Trans' 
_citation.journal_id_ASTM           ? 
_citation.journal_id_CSD            ? 
_citation.journal_id_ISSN           1477-9234 
_citation.journal_full              ? 
_citation.journal_issue             ? 
_citation.journal_volume            53 
_citation.language                  ? 
_citation.page_first                3476 
_citation.page_last                 3483 
_citation.title                     'On the mechanism of action of arsenoplatins: arsenoplatin-1 binding to a B-DNA dodecamer.' 
_citation.year                      2024 
_citation.database_id_CSD           ? 
_citation.pdbx_database_id_DOI      10.1039/d3dt04302a 
_citation.pdbx_database_id_PubMed   38270175 
_citation.pdbx_database_id_patent   ? 
_citation.unpublished_flag          ? 
# 
loop_
_citation_author.citation_id 
_citation_author.name 
_citation_author.ordinal 
_citation_author.identifier_ORCID 
primary 'Troisi, R.'  1 0000-0002-3484-3589 
primary 'Tito, G.'    2 0000-0001-5682-3100 
primary 'Ferraro, G.' 3 0000-0001-9385-2429 
primary 'Sica, F.'    4 0000-0003-4501-4476 
primary 'Massai, L.'  5 0000-0003-0765-1802 
primary 'Geri, A.'    6 ?                   
primary 'Cirri, D.'   7 0000-0001-9175-9562 
primary 'Messori, L.' 8 0000-0002-9490-8014 
primary 'Merlino, A.' 9 0000-0002-1045-7720 
# 
loop_
_entity.id 
_entity.type 
_entity.src_method 
_entity.pdbx_description 
_entity.formula_weight 
_entity.pdbx_number_of_molecules 
_entity.pdbx_ec 
_entity.pdbx_mutation 
_entity.pdbx_fragment 
_entity.details 
1 polymer     syn 
;DNA (5'-D(*CP*GP*CP*GP*AP*AP*TP*TP*CP*GP*CP*G)-3')
;
3663.392 2   ? ? ? ? 
2 non-polymer syn 'MAGNESIUM ION'                                      24.305   1   ? ? ? ? 
3 non-polymer syn 'PLATINUM (II) ION'                                  195.078  3   ? ? ? ? 
4 non-polymer syn AMMONIA                                              17.031   3   ? ? ? ? 
5 non-polymer syn 'CHLORIDE ION'                                       35.453   1   ? ? ? ? 
6 water       nat water                                                18.015   109 ? ? ? ? 
# 
_entity_poly.entity_id                      1 
_entity_poly.type                           polydeoxyribonucleotide 
_entity_poly.nstd_linkage                   no 
_entity_poly.nstd_monomer                   no 
_entity_poly.pdbx_seq_one_letter_code       '(DC)(DG)(DC)(DG)(DA)(DA)(DT)(DT)(DC)(DG)(DC)(DG)' 
_entity_poly.pdbx_seq_one_letter_code_can   CGCGAATTCGCG 
_entity_poly.pdbx_strand_id                 A,B 
_entity_poly.pdbx_target_identifier         ? 
# 
loop_
_pdbx_entity_nonpoly.entity_id 
_pdbx_entity_nonpoly.name 
_pdbx_entity_nonpoly.comp_id 
2 'MAGNESIUM ION'     MG  
3 'PLATINUM (II) ION' PT  
4 AMMONIA             NH3 
5 'CHLORIDE ION'      CL  
6 water               HOH 
# 
loop_
_entity_poly_seq.entity_id 
_entity_poly_seq.num 
_entity_poly_seq.mon_id 
_entity_poly_seq.hetero 
1 1  DC n 
1 2  DG n 
1 3  DC n 
1 4  DG n 
1 5  DA n 
1 6  DA n 
1 7  DT n 
1 8  DT n 
1 9  DC n 
1 10 DG n 
1 11 DC n 
1 12 DG n 
# 
_pdbx_entity_src_syn.entity_id              1 
_pdbx_entity_src_syn.pdbx_src_id            1 
_pdbx_entity_src_syn.pdbx_alt_source_flag   sample 
_pdbx_entity_src_syn.pdbx_beg_seq_num       1 
_pdbx_entity_src_syn.pdbx_end_seq_num       12 
_pdbx_entity_src_syn.organism_scientific    'synthetic construct' 
_pdbx_entity_src_syn.organism_common_name   ? 
_pdbx_entity_src_syn.ncbi_taxonomy_id       32630 
_pdbx_entity_src_syn.details                ? 
# 
loop_
_chem_comp.id 
_chem_comp.type 
_chem_comp.mon_nstd_flag 
_chem_comp.name 
_chem_comp.pdbx_synonyms 
_chem_comp.formula 
_chem_comp.formula_weight 
CL  non-polymer   . 'CHLORIDE ION'                       ? 'Cl -1'           35.453  
DA  'DNA linking' y "2'-DEOXYADENOSINE-5'-MONOPHOSPHATE" ? 'C10 H14 N5 O6 P' 331.222 
DC  'DNA linking' y "2'-DEOXYCYTIDINE-5'-MONOPHOSPHATE"  ? 'C9 H14 N3 O7 P'  307.197 
DG  'DNA linking' y "2'-DEOXYGUANOSINE-5'-MONOPHOSPHATE" ? 'C10 H14 N5 O7 P' 347.221 
DT  'DNA linking' y "THYMIDINE-5'-MONOPHOSPHATE"         ? 'C10 H15 N2 O8 P' 322.208 
HOH non-polymer   . WATER                                ? 'H2 O'            18.015  
MG  non-polymer   . 'MAGNESIUM ION'                      ? 'Mg 2'            24.305  
NH3 non-polymer   . AMMONIA                              ? 'H3 N'            17.031  
PT  non-polymer   . 'PLATINUM (II) ION'                  ? 'Pt 2'            195.078 
# 
loop_
_pdbx_poly_seq_scheme.asym_id 
_pdbx_poly_seq_scheme.entity_id 
_pdbx_poly_seq_scheme.seq_id 
_pdbx_poly_seq_scheme.mon_id 
_pdbx_poly_seq_scheme.ndb_seq_num 
_pdbx_poly_seq_scheme.pdb_seq_num 
_pdbx_poly_seq_scheme.auth_seq_num 
_pdbx_poly_seq_scheme.pdb_mon_id 
_pdbx_poly_seq_scheme.auth_mon_id 
_pdbx_poly_seq_scheme.pdb_strand_id 
_pdbx_poly_seq_scheme.pdb_ins_code 
_pdbx_poly_seq_scheme.hetero 
A 1 1  DC 1  1  1  DC DC A . n 
A 1 2  DG 2  2  2  DG DG A . n 
A 1 3  DC 3  3  3  DC DC A . n 
A 1 4  DG 4  4  4  DG DG A . n 
A 1 5  DA 5  5  5  DA DA A . n 
A 1 6  DA 6  6  6  DA DA A . n 
A 1 7  DT 7  7  7  DT DT A . n 
A 1 8  DT 8  8  8  DT DT A . n 
A 1 9  DC 9  9  9  DC DC A . n 
A 1 10 DG 10 10 10 DG DG A . n 
A 1 11 DC 11 11 11 DC DC A . n 
A 1 12 DG 12 12 12 DG DG A . n 
B 1 1  DC 1  13 13 DC DC B . n 
B 1 2  DG 2  14 14 DG DG B . n 
B 1 3  DC 3  15 15 DC DC B . n 
B 1 4  DG 4  16 16 DG DG B . n 
B 1 5  DA 5  17 17 DA DA B . n 
B 1 6  DA 6  18 18 DA DA B . n 
B 1 7  DT 7  19 19 DT DT B . n 
B 1 8  DT 8  20 20 DT DT B . n 
B 1 9  DC 9  21 21 DC DC B . n 
B 1 10 DG 10 22 22 DG DG B . n 
B 1 11 DC 11 23 23 DC DC B . n 
B 1 12 DG 12 24 24 DG DG B . n 
# 
loop_
_pdbx_nonpoly_scheme.asym_id 
_pdbx_nonpoly_scheme.entity_id 
_pdbx_nonpoly_scheme.mon_id 
_pdbx_nonpoly_scheme.ndb_seq_num 
_pdbx_nonpoly_scheme.pdb_seq_num 
_pdbx_nonpoly_scheme.auth_seq_num 
_pdbx_nonpoly_scheme.pdb_mon_id 
_pdbx_nonpoly_scheme.auth_mon_id 
_pdbx_nonpoly_scheme.pdb_strand_id 
_pdbx_nonpoly_scheme.pdb_ins_code 
C 2 MG  1  101 13  MG  MG  A . 
D 3 PT  1  102 3   PT  PT  A . 
E 4 NH3 1  103 2   NH3 NH3 A . 
F 3 PT  1  104 1   PT  YUO A . 
G 4 NH3 1  105 1   NH3 YUO A . 
H 5 CL  1  106 1   CL  YUO A . 
I 3 PT  1  101 1   PT  PT  B . 
J 4 NH3 1  102 4   NH3 NH3 B . 
K 6 HOH 1  201 30  HOH HOH A . 
K 6 HOH 2  202 91  HOH HOH A . 
K 6 HOH 3  203 82  HOH HOH A . 
K 6 HOH 4  204 73  HOH HOH A . 
K 6 HOH 5  205 97  HOH HOH A . 
K 6 HOH 6  206 2   HOH HOH A . 
K 6 HOH 7  207 110 HOH HOH A . 
K 6 HOH 8  208 68  HOH HOH A . 
K 6 HOH 9  209 43  HOH HOH A . 
K 6 HOH 10 210 47  HOH HOH A . 
K 6 HOH 11 211 5   HOH HOH A . 
K 6 HOH 12 212 46  HOH HOH A . 
K 6 HOH 13 213 58  HOH HOH A . 
K 6 HOH 14 214 10  HOH HOH A . 
K 6 HOH 15 215 63  HOH HOH A . 
K 6 HOH 16 216 4   HOH HOH A . 
K 6 HOH 17 217 8   HOH HOH A . 
K 6 HOH 18 218 6   HOH HOH A . 
K 6 HOH 19 219 39  HOH HOH A . 
K 6 HOH 20 220 90  HOH HOH A . 
K 6 HOH 21 221 99  HOH HOH A . 
K 6 HOH 22 222 65  HOH HOH A . 
K 6 HOH 23 223 7   HOH HOH A . 
K 6 HOH 24 224 3   HOH HOH A . 
K 6 HOH 25 225 9   HOH HOH A . 
K 6 HOH 26 226 13  HOH HOH A . 
K 6 HOH 27 227 29  HOH HOH A . 
K 6 HOH 28 228 79  HOH HOH A . 
K 6 HOH 29 229 51  HOH HOH A . 
K 6 HOH 30 230 21  HOH HOH A . 
K 6 HOH 31 231 11  HOH HOH A . 
K 6 HOH 32 232 108 HOH HOH A . 
K 6 HOH 33 233 31  HOH HOH A . 
K 6 HOH 34 234 36  HOH HOH A . 
K 6 HOH 35 235 44  HOH HOH A . 
K 6 HOH 36 236 18  HOH HOH A . 
K 6 HOH 37 237 74  HOH HOH A . 
K 6 HOH 38 238 86  HOH HOH A . 
K 6 HOH 39 239 78  HOH HOH A . 
K 6 HOH 40 240 48  HOH HOH A . 
K 6 HOH 41 241 25  HOH HOH A . 
K 6 HOH 42 242 38  HOH HOH A . 
K 6 HOH 43 243 98  HOH HOH A . 
K 6 HOH 44 244 37  HOH HOH A . 
K 6 HOH 45 245 104 HOH HOH A . 
K 6 HOH 46 246 93  HOH HOH A . 
K 6 HOH 47 247 19  HOH HOH A . 
K 6 HOH 48 248 111 HOH HOH A . 
K 6 HOH 49 249 103 HOH HOH A . 
K 6 HOH 50 250 75  HOH HOH A . 
K 6 HOH 51 251 22  HOH HOH A . 
K 6 HOH 52 252 107 HOH HOH A . 
K 6 HOH 53 253 42  HOH HOH A . 
K 6 HOH 54 254 35  HOH HOH A . 
K 6 HOH 55 255 23  HOH HOH A . 
K 6 HOH 56 256 70  HOH HOH A . 
K 6 HOH 57 257 77  HOH HOH A . 
K 6 HOH 58 258 15  HOH HOH A . 
K 6 HOH 59 259 112 HOH HOH A . 
K 6 HOH 60 260 57  HOH HOH A . 
L 6 HOH 1  201 45  HOH HOH B . 
L 6 HOH 2  202 56  HOH HOH B . 
L 6 HOH 3  203 28  HOH HOH B . 
L 6 HOH 4  204 69  HOH HOH B . 
L 6 HOH 5  205 26  HOH HOH B . 
L 6 HOH 6  206 59  HOH HOH B . 
L 6 HOH 7  207 32  HOH HOH B . 
L 6 HOH 8  208 60  HOH HOH B . 
L 6 HOH 9  209 92  HOH HOH B . 
L 6 HOH 10 210 83  HOH HOH B . 
L 6 HOH 11 211 14  HOH HOH B . 
L 6 HOH 12 212 34  HOH HOH B . 
L 6 HOH 13 213 101 HOH HOH B . 
L 6 HOH 14 214 53  HOH HOH B . 
L 6 HOH 15 215 54  HOH HOH B . 
L 6 HOH 16 216 40  HOH HOH B . 
L 6 HOH 17 217 12  HOH HOH B . 
L 6 HOH 18 218 94  HOH HOH B . 
L 6 HOH 19 219 61  HOH HOH B . 
L 6 HOH 20 220 16  HOH HOH B . 
L 6 HOH 21 221 27  HOH HOH B . 
L 6 HOH 22 222 109 HOH HOH B . 
L 6 HOH 23 223 84  HOH HOH B . 
L 6 HOH 24 224 64  HOH HOH B . 
L 6 HOH 25 225 87  HOH HOH B . 
L 6 HOH 26 226 66  HOH HOH B . 
L 6 HOH 27 227 89  HOH HOH B . 
L 6 HOH 28 228 24  HOH HOH B . 
L 6 HOH 29 229 50  HOH HOH B . 
L 6 HOH 30 230 67  HOH HOH B . 
L 6 HOH 31 231 17  HOH HOH B . 
L 6 HOH 32 232 81  HOH HOH B . 
L 6 HOH 33 233 49  HOH HOH B . 
L 6 HOH 34 234 20  HOH HOH B . 
L 6 HOH 35 235 55  HOH HOH B . 
L 6 HOH 36 236 95  HOH HOH B . 
L 6 HOH 37 237 113 HOH HOH B . 
L 6 HOH 38 238 106 HOH HOH B . 
L 6 HOH 39 239 71  HOH HOH B . 
L 6 HOH 40 240 41  HOH HOH B . 
L 6 HOH 41 241 80  HOH HOH B . 
L 6 HOH 42 242 102 HOH HOH B . 
L 6 HOH 43 243 96  HOH HOH B . 
L 6 HOH 44 244 62  HOH HOH B . 
L 6 HOH 45 245 105 HOH HOH B . 
L 6 HOH 46 246 72  HOH HOH B . 
L 6 HOH 47 247 88  HOH HOH B . 
L 6 HOH 48 248 76  HOH HOH B . 
L 6 HOH 49 249 100 HOH HOH B . 
# 
loop_
_software.citation_id 
_software.classification 
_software.compiler_name 
_software.compiler_version 
_software.contact_author 
_software.contact_author_email 
_software.date 
_software.description 
_software.dependencies 
_software.hardware 
_software.language 
_software.location 
_software.mods 
_software.name 
_software.os 
_software.os_version 
_software.type 
_software.version 
_software.pdbx_ordinal 
? refinement       ? ? ? ? ? ? ? ? ? ? ? REFMAC   ? ? ? 5.8.0352 1 
? 'data reduction' ? ? ? ? ? ? ? ? ? ? ? autoPROC ? ? ? .        2 
? 'data scaling'   ? ? ? ? ? ? ? ? ? ? ? autoPROC ? ? ? .        3 
? phasing          ? ? ? ? ? ? ? ? ? ? ? PHASER   ? ? ? .        4 
# 
_cell.angle_alpha                  90.000 
_cell.angle_alpha_esd              ? 
_cell.angle_beta                   90.000 
_cell.angle_beta_esd               ? 
_cell.angle_gamma                  90.000 
_cell.angle_gamma_esd              ? 
_cell.entry_id                     8RI3 
_cell.details                      ? 
_cell.formula_units_Z              ? 
_cell.length_a                     25.560 
_cell.length_a_esd                 ? 
_cell.length_b                     40.390 
_cell.length_b_esd                 ? 
_cell.length_c                     65.670 
_cell.length_c_esd                 ? 
_cell.volume                       ? 
_cell.volume_esd                   ? 
_cell.Z_PDB                        8 
_cell.reciprocal_angle_alpha       ? 
_cell.reciprocal_angle_beta        ? 
_cell.reciprocal_angle_gamma       ? 
_cell.reciprocal_angle_alpha_esd   ? 
_cell.reciprocal_angle_beta_esd    ? 
_cell.reciprocal_angle_gamma_esd   ? 
_cell.reciprocal_length_a          ? 
_cell.reciprocal_length_b          ? 
_cell.reciprocal_length_c          ? 
_cell.reciprocal_length_a_esd      ? 
_cell.reciprocal_length_b_esd      ? 
_cell.reciprocal_length_c_esd      ? 
_cell.pdbx_unique_axis             ? 
_cell.pdbx_esd_method              ? 
# 
_symmetry.entry_id                         8RI3 
_symmetry.cell_setting                     ? 
_symmetry.Int_Tables_number                19 
_symmetry.space_group_name_Hall            ? 
_symmetry.space_group_name_H-M             'P 21 21 21' 
_symmetry.pdbx_full_space_group_name_H-M   ? 
# 
_exptl.absorpt_coefficient_mu     ? 
_exptl.absorpt_correction_T_max   ? 
_exptl.absorpt_correction_T_min   ? 
_exptl.absorpt_correction_type    ? 
_exptl.absorpt_process_details    ? 
_exptl.entry_id                   8RI3 
_exptl.crystals_number            1 
_exptl.details                    ? 
_exptl.method                     'X-RAY DIFFRACTION' 
_exptl.method_details             ? 
# 
_exptl_crystal.colour                       ? 
_exptl_crystal.density_diffrn               ? 
_exptl_crystal.density_Matthews             2.31 
_exptl_crystal.density_method               ? 
_exptl_crystal.density_percent_sol          46.83 
_exptl_crystal.description                  ? 
_exptl_crystal.F_000                        ? 
_exptl_crystal.id                           1 
_exptl_crystal.preparation                  ? 
_exptl_crystal.size_max                     ? 
_exptl_crystal.size_mid                     ? 
_exptl_crystal.size_min                     ? 
_exptl_crystal.size_rad                     ? 
_exptl_crystal.colour_lustre                ? 
_exptl_crystal.colour_modifier              ? 
_exptl_crystal.colour_primary               ? 
_exptl_crystal.density_meas                 ? 
_exptl_crystal.density_meas_esd             ? 
_exptl_crystal.density_meas_gt              ? 
_exptl_crystal.density_meas_lt              ? 
_exptl_crystal.density_meas_temp            ? 
_exptl_crystal.density_meas_temp_esd        ? 
_exptl_crystal.density_meas_temp_gt         ? 
_exptl_crystal.density_meas_temp_lt         ? 
_exptl_crystal.pdbx_crystal_image_url       ? 
_exptl_crystal.pdbx_crystal_image_format    ? 
_exptl_crystal.pdbx_mosaicity               ? 
_exptl_crystal.pdbx_mosaicity_esd           ? 
_exptl_crystal.pdbx_mosaic_method           ? 
_exptl_crystal.pdbx_mosaic_block_size       ? 
_exptl_crystal.pdbx_mosaic_block_size_esd   ? 
# 
_exptl_crystal_grow.apparatus       ? 
_exptl_crystal_grow.atmosphere      ? 
_exptl_crystal_grow.crystal_id      1 
_exptl_crystal_grow.details         ? 
_exptl_crystal_grow.method          'VAPOR DIFFUSION, HANGING DROP' 
_exptl_crystal_grow.method_ref      ? 
_exptl_crystal_grow.pH              6.5 
_exptl_crystal_grow.pressure        ? 
_exptl_crystal_grow.pressure_esd    ? 
_exptl_crystal_grow.seeding         ? 
_exptl_crystal_grow.seeding_ref     ? 
_exptl_crystal_grow.temp_details    ? 
_exptl_crystal_grow.temp_esd        ? 
_exptl_crystal_grow.time            ? 
_exptl_crystal_grow.pdbx_details    
'7-14% (v/v) 2-methyl-2,4-pentanediol (MPD), 20 mM MgCl2, 80 mM spermine tetrahydrochloride, and 60 mM sodium cacodylate pH 6.5' 
_exptl_crystal_grow.pdbx_pH_range   ? 
_exptl_crystal_grow.temp            293 
# 
_diffrn.ambient_environment              ? 
_diffrn.ambient_temp                     100 
_diffrn.ambient_temp_details             ? 
_diffrn.ambient_temp_esd                 ? 
_diffrn.crystal_id                       1 
_diffrn.crystal_support                  ? 
_diffrn.crystal_treatment                ? 
_diffrn.details                          ? 
_diffrn.id                               1 
_diffrn.ambient_pressure                 ? 
_diffrn.ambient_pressure_esd             ? 
_diffrn.ambient_pressure_gt              ? 
_diffrn.ambient_pressure_lt              ? 
_diffrn.ambient_temp_gt                  ? 
_diffrn.ambient_temp_lt                  ? 
_diffrn.pdbx_serial_crystal_experiment   N 
# 
_diffrn_detector.details                      ? 
_diffrn_detector.detector                     PIXEL 
_diffrn_detector.diffrn_id                    1 
_diffrn_detector.type                         'DECTRIS PILATUS 6M' 
_diffrn_detector.area_resol_mean              ? 
_diffrn_detector.dtime                        ? 
_diffrn_detector.pdbx_frames_total            ? 
_diffrn_detector.pdbx_collection_time_total   ? 
_diffrn_detector.pdbx_collection_date         2023-10-04 
_diffrn_detector.pdbx_frequency               ? 
_diffrn_detector.id                           ? 
_diffrn_detector.number_of_axes               ? 
# 
_diffrn_radiation.collimation                      ? 
_diffrn_radiation.diffrn_id                        1 
_diffrn_radiation.filter_edge                      ? 
_diffrn_radiation.inhomogeneity                    ? 
_diffrn_radiation.monochromator                    ? 
_diffrn_radiation.polarisn_norm                    ? 
_diffrn_radiation.polarisn_ratio                   ? 
_diffrn_radiation.probe                            ? 
_diffrn_radiation.type                             ? 
_diffrn_radiation.xray_symbol                      ? 
_diffrn_radiation.wavelength_id                    1 
_diffrn_radiation.pdbx_monochromatic_or_laue_m_l   M 
_diffrn_radiation.pdbx_wavelength_list             ? 
_diffrn_radiation.pdbx_wavelength                  ? 
_diffrn_radiation.pdbx_diffrn_protocol             'SINGLE WAVELENGTH' 
_diffrn_radiation.pdbx_analyzer                    ? 
_diffrn_radiation.pdbx_scattering_type             x-ray 
# 
_diffrn_radiation_wavelength.id           1 
_diffrn_radiation_wavelength.wavelength   1.00 
_diffrn_radiation_wavelength.wt           1.0 
# 
_diffrn_source.current                     ? 
_diffrn_source.details                     ? 
_diffrn_source.diffrn_id                   1 
_diffrn_source.power                       ? 
_diffrn_source.size                        ? 
_diffrn_source.source                      SYNCHROTRON 
_diffrn_source.target                      ? 
_diffrn_source.type                        'ELETTRA BEAMLINE 11.2C' 
_diffrn_source.voltage                     ? 
_diffrn_source.take-off_angle              ? 
_diffrn_source.pdbx_wavelength_list        1.00 
_diffrn_source.pdbx_wavelength             ? 
_diffrn_source.pdbx_synchrotron_beamline   11.2C 
_diffrn_source.pdbx_synchrotron_site       ELETTRA 
# 
_reflns.B_iso_Wilson_estimate                          ? 
_reflns.entry_id                                       8RI3 
_reflns.data_reduction_details                         ? 
_reflns.data_reduction_method                          ? 
_reflns.d_resolution_high                              1.40 
_reflns.d_resolution_low                               34.404 
_reflns.details                                        ? 
_reflns.limit_h_max                                    ? 
_reflns.limit_h_min                                    ? 
_reflns.limit_k_max                                    ? 
_reflns.limit_k_min                                    ? 
_reflns.limit_l_max                                    ? 
_reflns.limit_l_min                                    ? 
_reflns.number_all                                     ? 
_reflns.number_obs                                     13972 
_reflns.observed_criterion                             ? 
_reflns.observed_criterion_F_max                       ? 
_reflns.observed_criterion_F_min                       ? 
_reflns.observed_criterion_I_max                       ? 
_reflns.observed_criterion_I_min                       ? 
_reflns.observed_criterion_sigma_F                     ? 
_reflns.observed_criterion_sigma_I                     ? 
_reflns.percent_possible_obs                           98.9 
_reflns.R_free_details                                 ? 
_reflns.Rmerge_F_all                                   ? 
_reflns.Rmerge_F_obs                                   ? 
_reflns.Friedel_coverage                               ? 
_reflns.number_gt                                      ? 
_reflns.threshold_expression                           ? 
_reflns.pdbx_redundancy                                9.7 
_reflns.pdbx_netI_over_av_sigmaI                       ? 
_reflns.pdbx_netI_over_sigmaI                          13.2 
_reflns.pdbx_res_netI_over_av_sigmaI_2                 ? 
_reflns.pdbx_res_netI_over_sigmaI_2                    ? 
_reflns.pdbx_chi_squared                               ? 
_reflns.pdbx_scaling_rejects                           ? 
_reflns.pdbx_d_res_high_opt                            ? 
_reflns.pdbx_d_res_low_opt                             ? 
_reflns.pdbx_d_res_opt_method                          ? 
_reflns.phase_calculation_details                      ? 
_reflns.pdbx_Rrim_I_all                                ? 
_reflns.pdbx_Rpim_I_all                                ? 
_reflns.pdbx_d_opt                                     ? 
_reflns.pdbx_number_measured_all                       ? 
_reflns.pdbx_diffrn_id                                 1 
_reflns.pdbx_ordinal                                   1 
_reflns.pdbx_CC_half                                   0.998 
_reflns.pdbx_CC_star                                   ? 
_reflns.pdbx_R_split                                   ? 
_reflns.pdbx_Rmerge_I_obs                              ? 
_reflns.pdbx_Rmerge_I_all                              ? 
_reflns.pdbx_Rsym_value                                ? 
_reflns.pdbx_CC_split_method                           ? 
_reflns.pdbx_aniso_diffraction_limit_axis_1_ortho[1]   ? 
_reflns.pdbx_aniso_diffraction_limit_axis_1_ortho[2]   ? 
_reflns.pdbx_aniso_diffraction_limit_axis_1_ortho[3]   ? 
_reflns.pdbx_aniso_diffraction_limit_axis_2_ortho[1]   ? 
_reflns.pdbx_aniso_diffraction_limit_axis_2_ortho[2]   ? 
_reflns.pdbx_aniso_diffraction_limit_axis_2_ortho[3]   ? 
_reflns.pdbx_aniso_diffraction_limit_axis_3_ortho[1]   ? 
_reflns.pdbx_aniso_diffraction_limit_axis_3_ortho[2]   ? 
_reflns.pdbx_aniso_diffraction_limit_axis_3_ortho[3]   ? 
_reflns.pdbx_aniso_diffraction_limit_1                 ? 
_reflns.pdbx_aniso_diffraction_limit_2                 ? 
_reflns.pdbx_aniso_diffraction_limit_3                 ? 
_reflns.pdbx_aniso_B_tensor_eigenvector_1_ortho[1]     ? 
_reflns.pdbx_aniso_B_tensor_eigenvector_1_ortho[2]     ? 
_reflns.pdbx_aniso_B_tensor_eigenvector_1_ortho[3]     ? 
_reflns.pdbx_aniso_B_tensor_eigenvector_2_ortho[1]     ? 
_reflns.pdbx_aniso_B_tensor_eigenvector_2_ortho[2]     ? 
_reflns.pdbx_aniso_B_tensor_eigenvector_2_ortho[3]     ? 
_reflns.pdbx_aniso_B_tensor_eigenvector_3_ortho[1]     ? 
_reflns.pdbx_aniso_B_tensor_eigenvector_3_ortho[2]     ? 
_reflns.pdbx_aniso_B_tensor_eigenvector_3_ortho[3]     ? 
_reflns.pdbx_aniso_B_tensor_eigenvalue_1               ? 
_reflns.pdbx_aniso_B_tensor_eigenvalue_2               ? 
_reflns.pdbx_aniso_B_tensor_eigenvalue_3               ? 
_reflns.pdbx_orthogonalization_convention              ? 
_reflns.pdbx_percent_possible_ellipsoidal              ? 
_reflns.pdbx_percent_possible_spherical                ? 
_reflns.pdbx_percent_possible_ellipsoidal_anomalous    ? 
_reflns.pdbx_percent_possible_spherical_anomalous      ? 
_reflns.pdbx_redundancy_anomalous                      ? 
_reflns.pdbx_CC_half_anomalous                         ? 
_reflns.pdbx_absDiff_over_sigma_anomalous              ? 
_reflns.pdbx_percent_possible_anomalous                ? 
_reflns.pdbx_observed_signal_threshold                 ? 
_reflns.pdbx_signal_type                               ? 
_reflns.pdbx_signal_details                            ? 
_reflns.pdbx_signal_software_id                        ? 
# 
_reflns_shell.d_res_high                                    1.40 
_reflns_shell.d_res_low                                     1.42 
_reflns_shell.meanI_over_sigI_all                           ? 
_reflns_shell.meanI_over_sigI_obs                           0.9 
_reflns_shell.number_measured_all                           ? 
_reflns_shell.number_measured_obs                           ? 
_reflns_shell.number_possible                               ? 
_reflns_shell.number_unique_all                             ? 
_reflns_shell.number_unique_obs                             698 
_reflns_shell.percent_possible_obs                          ? 
_reflns_shell.Rmerge_F_all                                  ? 
_reflns_shell.Rmerge_F_obs                                  ? 
_reflns_shell.meanI_over_sigI_gt                            ? 
_reflns_shell.meanI_over_uI_all                             ? 
_reflns_shell.meanI_over_uI_gt                              ? 
_reflns_shell.number_measured_gt                            ? 
_reflns_shell.number_unique_gt                              ? 
_reflns_shell.percent_possible_gt                           ? 
_reflns_shell.Rmerge_F_gt                                   ? 
_reflns_shell.Rmerge_I_gt                                   ? 
_reflns_shell.pdbx_redundancy                               9.5 
_reflns_shell.pdbx_chi_squared                              ? 
_reflns_shell.pdbx_netI_over_sigmaI_all                     ? 
_reflns_shell.pdbx_netI_over_sigmaI_obs                     ? 
_reflns_shell.pdbx_Rrim_I_all                               ? 
_reflns_shell.pdbx_Rpim_I_all                               ? 
_reflns_shell.pdbx_rejects                                  ? 
_reflns_shell.pdbx_ordinal                                  1 
_reflns_shell.pdbx_diffrn_id                                1 
_reflns_shell.pdbx_CC_half                                  0.601 
_reflns_shell.pdbx_CC_star                                  ? 
_reflns_shell.pdbx_R_split                                  ? 
_reflns_shell.percent_possible_all                          100 
_reflns_shell.Rmerge_I_all                                  ? 
_reflns_shell.Rmerge_I_obs                                  ? 
_reflns_shell.pdbx_Rsym_value                               ? 
_reflns_shell.pdbx_percent_possible_ellipsoidal             ? 
_reflns_shell.pdbx_percent_possible_spherical               ? 
_reflns_shell.pdbx_percent_possible_ellipsoidal_anomalous   ? 
_reflns_shell.pdbx_percent_possible_spherical_anomalous     ? 
_reflns_shell.pdbx_redundancy_anomalous                     ? 
_reflns_shell.pdbx_CC_half_anomalous                        ? 
_reflns_shell.pdbx_absDiff_over_sigma_anomalous             ? 
_reflns_shell.pdbx_percent_possible_anomalous               ? 
# 
_refine.aniso_B[1][1]                            0.058 
_refine.aniso_B[1][2]                            -0.000 
_refine.aniso_B[1][3]                            0.000 
_refine.aniso_B[2][2]                            -0.149 
_refine.aniso_B[2][3]                            -0.000 
_refine.aniso_B[3][3]                            0.091 
_refine.B_iso_max                                ? 
_refine.B_iso_mean                               15.483 
_refine.B_iso_min                                ? 
_refine.correlation_coeff_Fo_to_Fc               0.959 
_refine.correlation_coeff_Fo_to_Fc_free          0.956 
_refine.details                                  'Hydrogens have been added in their riding positions' 
_refine.diff_density_max                         ? 
_refine.diff_density_max_esd                     ? 
_refine.diff_density_min                         ? 
_refine.diff_density_min_esd                     ? 
_refine.diff_density_rms                         ? 
_refine.diff_density_rms_esd                     ? 
_refine.entry_id                                 8RI3 
_refine.pdbx_refine_id                           'X-RAY DIFFRACTION' 
_refine.ls_abs_structure_details                 ? 
_refine.ls_abs_structure_Flack                   ? 
_refine.ls_abs_structure_Flack_esd               ? 
_refine.ls_abs_structure_Rogers                  ? 
_refine.ls_abs_structure_Rogers_esd              ? 
_refine.ls_d_res_high                            1.400 
_refine.ls_d_res_low                             34.404 
_refine.ls_extinction_coef                       ? 
_refine.ls_extinction_coef_esd                   ? 
_refine.ls_extinction_expression                 ? 
_refine.ls_extinction_method                     ? 
_refine.ls_goodness_of_fit_all                   ? 
_refine.ls_goodness_of_fit_all_esd               ? 
_refine.ls_goodness_of_fit_obs                   ? 
_refine.ls_goodness_of_fit_obs_esd               ? 
_refine.ls_hydrogen_treatment                    ? 
_refine.ls_matrix_type                           ? 
_refine.ls_number_constraints                    ? 
_refine.ls_number_parameters                     ? 
_refine.ls_number_reflns_all                     ? 
_refine.ls_number_reflns_obs                     12330 
_refine.ls_number_reflns_R_free                  591 
_refine.ls_number_reflns_R_work                  11739 
_refine.ls_number_restraints                     ? 
_refine.ls_percent_reflns_obs                    88.141 
_refine.ls_percent_reflns_R_free                 4.793 
_refine.ls_R_factor_all                          0.218 
_refine.ls_R_factor_obs                          ? 
_refine.ls_R_factor_R_free                       0.2567 
_refine.ls_R_factor_R_free_error                 ? 
_refine.ls_R_factor_R_free_error_details         ? 
_refine.ls_R_factor_R_work                       0.2159 
_refine.ls_R_Fsqd_factor_obs                     ? 
_refine.ls_R_I_factor_obs                        ? 
_refine.ls_redundancy_reflns_all                 ? 
_refine.ls_redundancy_reflns_obs                 ? 
_refine.ls_restrained_S_all                      ? 
_refine.ls_restrained_S_obs                      ? 
_refine.ls_shift_over_esd_max                    ? 
_refine.ls_shift_over_esd_mean                   ? 
_refine.ls_structure_factor_coef                 ? 
_refine.ls_weighting_details                     ? 
_refine.ls_weighting_scheme                      ? 
_refine.ls_wR_factor_all                         ? 
_refine.ls_wR_factor_obs                         ? 
_refine.ls_wR_factor_R_free                      0.281 
_refine.ls_wR_factor_R_work                      0.226 
_refine.occupancy_max                            ? 
_refine.occupancy_min                            ? 
_refine.solvent_model_details                    'MASK BULK SOLVENT' 
_refine.solvent_model_param_bsol                 ? 
_refine.solvent_model_param_ksol                 ? 
_refine.pdbx_R_complete                          ? 
_refine.ls_R_factor_gt                           ? 
_refine.ls_goodness_of_fit_gt                    ? 
_refine.ls_goodness_of_fit_ref                   ? 
_refine.ls_shift_over_su_max                     ? 
_refine.ls_shift_over_su_max_lt                  ? 
_refine.ls_shift_over_su_mean                    ? 
_refine.ls_shift_over_su_mean_lt                 ? 
_refine.pdbx_ls_sigma_I                          ? 
_refine.pdbx_ls_sigma_F                          ? 
_refine.pdbx_ls_sigma_Fsqd                       ? 
_refine.pdbx_data_cutoff_high_absF               ? 
_refine.pdbx_data_cutoff_high_rms_absF           ? 
_refine.pdbx_data_cutoff_low_absF                ? 
_refine.pdbx_isotropic_thermal_model             ? 
_refine.pdbx_ls_cross_valid_method               'FREE R-VALUE' 
_refine.pdbx_method_to_determine_struct          'MOLECULAR REPLACEMENT' 
_refine.pdbx_starting_model                      ? 
_refine.pdbx_stereochemistry_target_values       ? 
_refine.pdbx_R_Free_selection_details            ? 
_refine.pdbx_stereochem_target_val_spec_case     ? 
_refine.pdbx_overall_ESU_R                       0.081 
_refine.pdbx_overall_ESU_R_Free                  0.086 
_refine.pdbx_solvent_vdw_probe_radii             1.200 
_refine.pdbx_solvent_ion_probe_radii             0.800 
_refine.pdbx_solvent_shrinkage_radii             0.800 
_refine.pdbx_real_space_R                        ? 
_refine.pdbx_density_correlation                 ? 
_refine.pdbx_pd_number_of_powder_patterns        ? 
_refine.pdbx_pd_number_of_points                 ? 
_refine.pdbx_pd_meas_number_of_points            ? 
_refine.pdbx_pd_proc_ls_prof_R_factor            ? 
_refine.pdbx_pd_proc_ls_prof_wR_factor           ? 
_refine.pdbx_pd_Marquardt_correlation_coeff      ? 
_refine.pdbx_pd_Fsqrd_R_factor                   ? 
_refine.pdbx_pd_ls_matrix_band_width             ? 
_refine.pdbx_overall_phase_error                 ? 
_refine.pdbx_overall_SU_R_free_Cruickshank_DPI   ? 
_refine.pdbx_overall_SU_R_free_Blow_DPI          ? 
_refine.pdbx_overall_SU_R_Blow_DPI               ? 
_refine.pdbx_TLS_residual_ADP_flag               ? 
_refine.pdbx_diffrn_id                           1 
_refine.overall_SU_B                             1.772 
_refine.overall_SU_ML                            0.066 
_refine.overall_SU_R_Cruickshank_DPI             ? 
_refine.overall_SU_R_free                        ? 
_refine.overall_FOM_free_R_set                   ? 
_refine.overall_FOM_work_R_set                   ? 
_refine.pdbx_average_fsc_overall                 ? 
_refine.pdbx_average_fsc_work                    0.9574 
_refine.pdbx_average_fsc_free                    0.9374 
# 
_refine_hist.pdbx_refine_id                   'X-RAY DIFFRACTION' 
_refine_hist.cycle_id                         LAST 
_refine_hist.details                          ? 
_refine_hist.d_res_high                       1.400 
_refine_hist.d_res_low                        34.404 
_refine_hist.number_atoms_solvent             109 
_refine_hist.number_atoms_total               603 
_refine_hist.number_reflns_all                ? 
_refine_hist.number_reflns_obs                ? 
_refine_hist.number_reflns_R_free             ? 
_refine_hist.number_reflns_R_work             ? 
_refine_hist.R_factor_all                     ? 
_refine_hist.R_factor_obs                     ? 
_refine_hist.R_factor_R_free                  ? 
_refine_hist.R_factor_R_work                  ? 
_refine_hist.pdbx_number_residues_total       ? 
_refine_hist.pdbx_B_iso_mean_ligand           ? 
_refine_hist.pdbx_B_iso_mean_solvent          ? 
_refine_hist.pdbx_number_atoms_protein        0 
_refine_hist.pdbx_number_atoms_nucleic_acid   486 
_refine_hist.pdbx_number_atoms_ligand         8 
_refine_hist.pdbx_number_atoms_lipid          ? 
_refine_hist.pdbx_number_atoms_carb           ? 
_refine_hist.pdbx_pseudo_atom_details         ? 
# 
loop_
_refine_ls_restr.pdbx_refine_id 
_refine_ls_restr.criterion 
_refine_ls_restr.dev_ideal 
_refine_ls_restr.dev_ideal_target 
_refine_ls_restr.number 
_refine_ls_restr.rejects 
_refine_ls_restr.type 
_refine_ls_restr.weight 
_refine_ls_restr.pdbx_restraint_function 
'X-RAY DIFFRACTION' ? 0.009 0.011  547 ? r_bond_refined_d               ? ? 
'X-RAY DIFFRACTION' ? 0.002 0.017  271 ? r_bond_other_d                 ? ? 
'X-RAY DIFFRACTION' ? 0.000 0.001  4   ? r_ext_dist_refined_b           ? ? 
'X-RAY DIFFRACTION' ? 3.046 1.784  841 ? r_angle_refined_deg            ? ? 
'X-RAY DIFFRACTION' ? 0.494 1.557  639 ? r_angle_other_deg              ? ? 
'X-RAY DIFFRACTION' ? 0.149 0.200  94  ? r_chiral_restr                 ? ? 
'X-RAY DIFFRACTION' ? 0.030 0.020  292 ? r_gen_planes_refined           ? ? 
'X-RAY DIFFRACTION' ? 0.001 0.020  88  ? r_gen_planes_other             ? ? 
'X-RAY DIFFRACTION' ? 0.249 0.200  43  ? r_nbd_refined                  ? ? 
'X-RAY DIFFRACTION' ? 0.214 0.200  288 ? r_symmetry_nbd_other           ? ? 
'X-RAY DIFFRACTION' ? 0.245 0.200  199 ? r_nbtor_refined                ? ? 
'X-RAY DIFFRACTION' ? 0.096 0.200  138 ? r_symmetry_nbtor_other         ? ? 
'X-RAY DIFFRACTION' ? 0.170 0.200  60  ? r_xyhbond_nbd_refined          ? ? 
'X-RAY DIFFRACTION' ? 0.095 0.200  2   ? r_metal_ion_refined            ? ? 
'X-RAY DIFFRACTION' ? 0.049 0.200  3   ? r_symmetry_nbd_refined         ? ? 
'X-RAY DIFFRACTION' ? 0.155 0.200  28  ? r_nbd_other                    ? ? 
'X-RAY DIFFRACTION' ? 0.115 0.200  9   ? r_symmetry_xyhbond_nbd_refined ? ? 
'X-RAY DIFFRACTION' ? 2.405 1.774  547 ? r_scbond_it                    ? ? 
'X-RAY DIFFRACTION' ? 1.977 1.767  546 ? r_scbond_other                 ? ? 
'X-RAY DIFFRACTION' ? 3.712 2.680  845 ? r_scangle_it                   ? ? 
'X-RAY DIFFRACTION' ? 3.708 2.678  845 ? r_scangle_other                ? ? 
'X-RAY DIFFRACTION' ? 5.531 23.011 798 ? r_lrange_it                    ? ? 
'X-RAY DIFFRACTION' ? 5.412 20.564 771 ? r_lrange_other                 ? ? 
# 
loop_
_refine_ls_shell.pdbx_refine_id 
_refine_ls_shell.d_res_high 
_refine_ls_shell.d_res_low 
_refine_ls_shell.number_reflns_all 
_refine_ls_shell.number_reflns_obs 
_refine_ls_shell.number_reflns_R_free 
_refine_ls_shell.number_reflns_R_work 
_refine_ls_shell.percent_reflns_obs 
_refine_ls_shell.percent_reflns_R_free 
_refine_ls_shell.R_factor_all 
_refine_ls_shell.R_factor_obs 
_refine_ls_shell.R_factor_R_free_error 
_refine_ls_shell.R_factor_R_work 
_refine_ls_shell.redundancy_reflns_all 
_refine_ls_shell.redundancy_reflns_obs 
_refine_ls_shell.wR_factor_all 
_refine_ls_shell.wR_factor_obs 
_refine_ls_shell.wR_factor_R_free 
_refine_ls_shell.wR_factor_R_work 
_refine_ls_shell.pdbx_R_complete 
_refine_ls_shell.pdbx_total_number_of_bins_used 
_refine_ls_shell.pdbx_phase_error 
_refine_ls_shell.pdbx_fsc_work 
_refine_ls_shell.pdbx_fsc_free 
_refine_ls_shell.R_factor_R_free 
'X-RAY DIFFRACTION' 1.400 1.436  1002 . 17 381 39.7206  . 0.313 . . 0.313 . . . . . 0.297 . 20 . 0.924 0.928 0.298 
'X-RAY DIFFRACTION' 1.436 1.476  972  . 24 481 51.9547  . 0.304 . . 0.300 . . . . . 0.280 . 20 . 0.929 0.889 0.381 
'X-RAY DIFFRACTION' 1.476 1.518  969  . 32 612 66.4603  . 0.317 . . 0.315 . . . . . 0.281 . 20 . 0.921 0.865 0.366 
'X-RAY DIFFRACTION' 1.518 1.565  931  . 45 778 88.3996  . 0.298 . . 0.293 . . . . . 0.245 . 20 . 0.929 0.901 0.395 
'X-RAY DIFFRACTION' 1.565 1.616  909  . 38 778 89.7690  . 0.336 . . 0.331 . . . . . 0.268 . 20 . 0.917 0.828 0.439 
'X-RAY DIFFRACTION' 1.616 1.673  886  . 37 840 98.9842  . 0.271 . . 0.270 . . . . . 0.226 . 20 . 0.953 0.959 0.291 
'X-RAY DIFFRACTION' 1.673 1.736  843  . 41 795 99.1696  . 0.234 . . 0.230 . . . . . 0.184 . 20 . 0.963 0.950 0.311 
'X-RAY DIFFRACTION' 1.736 1.806  828  . 41 778 98.9130  . 0.213 . . 0.213 . . . . . 0.184 . 20 . 0.970 0.970 0.206 
'X-RAY DIFFRACTION' 1.806 1.886  783  . 51 722 98.7229  . 0.233 . . 0.226 . . . . . 0.194 . 20 . 0.965 0.941 0.330 
'X-RAY DIFFRACTION' 1.886 1.978  762  . 28 725 98.8189  . 0.243 . . 0.243 . . . . . 0.218 . 20 . 0.963 0.963 0.249 
'X-RAY DIFFRACTION' 1.978 2.085  719  . 36 682 99.8609  . 0.213 . . 0.211 . . . . . 0.202 . 20 . 0.971 0.947 0.263 
'X-RAY DIFFRACTION' 2.085 2.211  675  . 30 641 99.4074  . 0.193 . . 0.192 . . . . . 0.184 . 20 . 0.975 0.967 0.228 
'X-RAY DIFFRACTION' 2.211 2.363  653  . 35 617 99.8469  . 0.204 . . 0.202 . . . . . 0.202 . 20 . 0.974 0.962 0.241 
'X-RAY DIFFRACTION' 2.363 2.551  608  . 27 580 99.8355  . 0.201 . . 0.197 . . . . . 0.208 . 20 . 0.975 0.959 0.284 
'X-RAY DIFFRACTION' 2.551 2.793  558  . 20 538 100.0000 . 0.212 . . 0.209 . . . . . 0.232 . 20 . 0.972 0.951 0.296 
'X-RAY DIFFRACTION' 2.793 3.120  520  . 20 500 100.0000 . 0.221 . . 0.219 . . . . . 0.258 . 20 . 0.969 0.936 0.292 
'X-RAY DIFFRACTION' 3.120 3.598  453  . 21 430 99.5585  . 0.183 . . 0.180 . . . . . 0.242 . 20 . 0.984 0.981 0.223 
'X-RAY DIFFRACTION' 3.598 4.395  398  . 22 375 99.7487  . 0.161 . . 0.159 . . . . . 0.207 . 20 . 0.984 0.978 0.196 
'X-RAY DIFFRACTION' 4.395 6.165  313  . 19 292 99.3610  . 0.230 . . 0.230 . . . . . 0.310 . 20 . 0.971 0.986 0.218 
'X-RAY DIFFRACTION' 6.165 34.404 203  . 7  192 98.0296  . 0.249 . . 0.251 . . . . . 0.338 . 20 . 0.960 0.978 0.205 
# 
_struct.entry_id                     8RI3 
_struct.title                        'Crystal structure of transplatin/B-DNA adduct obtained upon 7 days of soaking' 
_struct.pdbx_model_details           ? 
_struct.pdbx_formula_weight          ? 
_struct.pdbx_formula_weight_method   ? 
_struct.pdbx_model_type_details      ? 
_struct.pdbx_CASP_flag               N 
# 
_struct_keywords.entry_id        8RI3 
_struct_keywords.text            'B-DNA, dodecamer, platin, interaction, DNA' 
_struct_keywords.pdbx_keywords   DNA 
# 
loop_
_struct_asym.id 
_struct_asym.pdbx_blank_PDB_chainid_flag 
_struct_asym.pdbx_modified 
_struct_asym.entity_id 
_struct_asym.details 
A N N 1 ? 
B N N 1 ? 
C N N 2 ? 
D N N 3 ? 
E N N 4 ? 
F N N 3 ? 
G N N 4 ? 
H N N 5 ? 
I N N 3 ? 
J N N 4 ? 
K N N 6 ? 
L N N 6 ? 
# 
_struct_ref.id                         1 
_struct_ref.db_name                    PDB 
_struct_ref.db_code                    8RI3 
_struct_ref.pdbx_db_accession          8RI3 
_struct_ref.pdbx_db_isoform            ? 
_struct_ref.entity_id                  1 
_struct_ref.pdbx_seq_one_letter_code   ? 
_struct_ref.pdbx_align_begin           1 
# 
loop_
_struct_ref_seq.align_id 
_struct_ref_seq.ref_id 
_struct_ref_seq.pdbx_PDB_id_code 
_struct_ref_seq.pdbx_strand_id 
_struct_ref_seq.seq_align_beg 
_struct_ref_seq.pdbx_seq_align_beg_ins_code 
_struct_ref_seq.seq_align_end 
_struct_ref_seq.pdbx_seq_align_end_ins_code 
_struct_ref_seq.pdbx_db_accession 
_struct_ref_seq.db_align_beg 
_struct_ref_seq.pdbx_db_align_beg_ins_code 
_struct_ref_seq.db_align_end 
_struct_ref_seq.pdbx_db_align_end_ins_code 
_struct_ref_seq.pdbx_auth_seq_align_beg 
_struct_ref_seq.pdbx_auth_seq_align_end 
1 1 8RI3 A 1 ? 12 ? 8RI3 1  ? 12 ? 1  12 
2 1 8RI3 B 1 ? 12 ? 8RI3 13 ? 24 ? 13 24 
# 
_pdbx_struct_assembly.id                   1 
_pdbx_struct_assembly.details              author_and_software_defined_assembly 
_pdbx_struct_assembly.method_details       PISA 
_pdbx_struct_assembly.oligomeric_details   dimeric 
_pdbx_struct_assembly.oligomeric_count     2 
# 
loop_
_pdbx_struct_assembly_prop.biol_id 
_pdbx_struct_assembly_prop.type 
_pdbx_struct_assembly_prop.value 
_pdbx_struct_assembly_prop.details 
1 'ABSA (A^2)' 2370 ? 
1 MORE         -92  ? 
1 'SSA (A^2)'  4230 ? 
# 
_pdbx_struct_assembly_gen.assembly_id       1 
_pdbx_struct_assembly_gen.oper_expression   1 
_pdbx_struct_assembly_gen.asym_id_list      A,B,C,D,E,F,G,H,I,J,K,L 
# 
_pdbx_struct_assembly_auth_evidence.id                     1 
_pdbx_struct_assembly_auth_evidence.assembly_id            1 
_pdbx_struct_assembly_auth_evidence.experimental_support   none 
_pdbx_struct_assembly_auth_evidence.details                ? 
# 
_pdbx_struct_oper_list.id                   1 
_pdbx_struct_oper_list.type                 'identity operation' 
_pdbx_struct_oper_list.name                 1_555 
_pdbx_struct_oper_list.symmetry_operation   x,y,z 
_pdbx_struct_oper_list.matrix[1][1]         1.0 
_pdbx_struct_oper_list.matrix[1][2]         0.0 
_pdbx_struct_oper_list.matrix[1][3]         0.0 
_pdbx_struct_oper_list.vector[1]            0.0 
_pdbx_struct_oper_list.matrix[2][1]         0.0 
_pdbx_struct_oper_list.matrix[2][2]         1.0 
_pdbx_struct_oper_list.matrix[2][3]         0.0 
_pdbx_struct_oper_list.vector[2]            0.0 
_pdbx_struct_oper_list.matrix[3][1]         0.0 
_pdbx_struct_oper_list.matrix[3][2]         0.0 
_pdbx_struct_oper_list.matrix[3][3]         1.0 
_pdbx_struct_oper_list.vector[3]            0.0 
# 
loop_
_struct_conn.id 
_struct_conn.conn_type_id 
_struct_conn.pdbx_leaving_atom_flag 
_struct_conn.pdbx_PDB_id 
_struct_conn.ptnr1_label_asym_id 
_struct_conn.ptnr1_label_comp_id 
_struct_conn.ptnr1_label_seq_id 
_struct_conn.ptnr1_label_atom_id 
_struct_conn.pdbx_ptnr1_label_alt_id 
_struct_conn.pdbx_ptnr1_PDB_ins_code 
_struct_conn.pdbx_ptnr1_standard_comp_id 
_struct_conn.ptnr1_symmetry 
_struct_conn.ptnr2_label_asym_id 
_struct_conn.ptnr2_label_comp_id 
_struct_conn.ptnr2_label_seq_id 
_struct_conn.ptnr2_label_atom_id 
_struct_conn.pdbx_ptnr2_label_alt_id 
_struct_conn.pdbx_ptnr2_PDB_ins_code 
_struct_conn.ptnr1_auth_asym_id 
_struct_conn.ptnr1_auth_comp_id 
_struct_conn.ptnr1_auth_seq_id 
_struct_conn.ptnr2_auth_asym_id 
_struct_conn.ptnr2_auth_comp_id 
_struct_conn.ptnr2_auth_seq_id 
_struct_conn.ptnr2_symmetry 
_struct_conn.pdbx_ptnr3_label_atom_id 
_struct_conn.pdbx_ptnr3_label_seq_id 
_struct_conn.pdbx_ptnr3_label_comp_id 
_struct_conn.pdbx_ptnr3_label_asym_id 
_struct_conn.pdbx_ptnr3_label_alt_id 
_struct_conn.pdbx_ptnr3_PDB_ins_code 
_struct_conn.details 
_struct_conn.pdbx_dist_value 
_struct_conn.pdbx_value_order 
_struct_conn.pdbx_role 
metalc1  metalc ? ? A DG 4  N7 ? ? ? 1_555 F PT  .  PT ? ? A DG 4   A PT  104 1_555 ? ? ? ? ? ? ?            1.900 ? ? 
metalc2  metalc ? ? A DG 10 N7 ? ? ? 1_555 D PT  .  PT ? ? A DG 10  A PT  102 1_555 ? ? ? ? ? ? ?            2.160 ? ? 
metalc3  metalc ? ? C MG .  MG ? ? ? 1_555 K HOH .  O  ? ? A MG 101 A HOH 211 1_555 ? ? ? ? ? ? ?            2.006 ? ? 
metalc4  metalc ? ? C MG .  MG ? ? ? 1_555 K HOH .  O  ? ? A MG 101 A HOH 217 3_655 ? ? ? ? ? ? ?            1.957 ? ? 
metalc5  metalc ? ? C MG .  MG ? ? ? 1_555 K HOH .  O  ? ? A MG 101 A HOH 218 1_555 ? ? ? ? ? ? ?            2.100 ? ? 
metalc6  metalc ? ? C MG .  MG ? ? ? 1_555 K HOH .  O  ? ? A MG 101 A HOH 226 3_655 ? ? ? ? ? ? ?            2.117 ? ? 
metalc7  metalc ? ? C MG .  MG ? ? ? 1_555 K HOH .  O  ? ? A MG 101 A HOH 231 3_655 ? ? ? ? ? ? ?            2.053 ? ? 
metalc8  metalc ? ? C MG .  MG ? ? ? 1_555 L HOH .  O  ? ? A MG 101 B HOH 217 1_555 ? ? ? ? ? ? ?            2.122 ? ? 
metalc9  metalc ? ? D PT .  PT ? ? ? 1_555 E NH3 .  N  ? ? A PT 102 A NH3 103 1_555 ? ? ? ? ? ? ?            2.050 ? ? 
metalc10 metalc ? ? D PT .  PT ? ? ? 1_555 K HOH .  O  B ? A PT 102 A HOH 232 1_555 ? ? ? ? ? ? ?            2.620 ? ? 
metalc11 metalc ? ? F PT .  PT ? ? ? 1_555 G NH3 .  N  ? ? A PT 104 A NH3 105 1_555 ? ? ? ? ? ? ?            1.842 ? ? 
metalc12 metalc ? ? F PT .  PT ? ? ? 1_555 K HOH .  O  B ? A PT 104 A HOH 207 1_555 ? ? ? ? ? ? ?            2.770 ? ? 
metalc13 metalc ? ? B DG 4  N7 ? ? ? 1_555 I PT  .  PT ? ? B DG 16  B PT  101 1_555 ? ? ? ? ? ? ?            2.668 ? ? 
metalc14 metalc ? ? I PT .  PT ? ? ? 1_555 J NH3 .  N  ? ? B PT 101 B NH3 102 1_555 ? ? ? ? ? ? ?            2.045 ? ? 
metalc15 metalc ? ? I PT .  PT ? ? ? 1_555 L HOH .  O  B ? B PT 101 B HOH 222 1_555 ? ? ? ? ? ? ?            2.552 ? ? 
hydrog1  hydrog ? ? A DC 1  N3 ? ? ? 1_555 B DG  12 N1 ? ? A DC 1   B DG  24  1_555 ? ? ? ? ? ? WATSON-CRICK ?     ? ? 
hydrog2  hydrog ? ? A DC 1  N4 ? ? ? 1_555 B DG  12 O6 ? ? A DC 1   B DG  24  1_555 ? ? ? ? ? ? WATSON-CRICK ?     ? ? 
hydrog3  hydrog ? ? A DC 1  O2 ? ? ? 1_555 B DG  12 N2 ? ? A DC 1   B DG  24  1_555 ? ? ? ? ? ? WATSON-CRICK ?     ? ? 
hydrog4  hydrog ? ? A DG 2  N1 ? ? ? 1_555 B DC  11 N3 ? ? A DG 2   B DC  23  1_555 ? ? ? ? ? ? WATSON-CRICK ?     ? ? 
hydrog5  hydrog ? ? A DG 2  N2 ? ? ? 1_555 B DC  11 O2 ? ? A DG 2   B DC  23  1_555 ? ? ? ? ? ? WATSON-CRICK ?     ? ? 
hydrog6  hydrog ? ? A DG 2  O6 ? ? ? 1_555 B DC  11 N4 ? ? A DG 2   B DC  23  1_555 ? ? ? ? ? ? WATSON-CRICK ?     ? ? 
hydrog7  hydrog ? ? A DC 3  N3 ? ? ? 1_555 B DG  10 N1 ? ? A DC 3   B DG  22  1_555 ? ? ? ? ? ? WATSON-CRICK ?     ? ? 
hydrog8  hydrog ? ? A DC 3  N4 ? ? ? 1_555 B DG  10 O6 ? ? A DC 3   B DG  22  1_555 ? ? ? ? ? ? WATSON-CRICK ?     ? ? 
hydrog9  hydrog ? ? A DC 3  O2 ? ? ? 1_555 B DG  10 N2 ? ? A DC 3   B DG  22  1_555 ? ? ? ? ? ? WATSON-CRICK ?     ? ? 
hydrog10 hydrog ? ? A DG 4  N1 ? ? ? 1_555 B DC  9  N3 ? ? A DG 4   B DC  21  1_555 ? ? ? ? ? ? WATSON-CRICK ?     ? ? 
hydrog11 hydrog ? ? A DG 4  N2 ? ? ? 1_555 B DC  9  O2 ? ? A DG 4   B DC  21  1_555 ? ? ? ? ? ? WATSON-CRICK ?     ? ? 
hydrog12 hydrog ? ? A DG 4  O6 ? ? ? 1_555 B DC  9  N4 ? ? A DG 4   B DC  21  1_555 ? ? ? ? ? ? WATSON-CRICK ?     ? ? 
hydrog13 hydrog ? ? A DA 5  N1 ? ? ? 1_555 B DT  8  N3 ? ? A DA 5   B DT  20  1_555 ? ? ? ? ? ? WATSON-CRICK ?     ? ? 
hydrog14 hydrog ? ? A DA 5  N6 ? ? ? 1_555 B DT  8  O4 ? ? A DA 5   B DT  20  1_555 ? ? ? ? ? ? WATSON-CRICK ?     ? ? 
hydrog15 hydrog ? ? A DA 6  N1 ? ? ? 1_555 B DT  7  N3 ? ? A DA 6   B DT  19  1_555 ? ? ? ? ? ? WATSON-CRICK ?     ? ? 
hydrog16 hydrog ? ? A DA 6  N6 ? ? ? 1_555 B DT  7  O4 ? ? A DA 6   B DT  19  1_555 ? ? ? ? ? ? WATSON-CRICK ?     ? ? 
hydrog17 hydrog ? ? A DT 7  N3 ? ? ? 1_555 B DA  6  N1 ? ? A DT 7   B DA  18  1_555 ? ? ? ? ? ? WATSON-CRICK ?     ? ? 
hydrog18 hydrog ? ? A DT 7  O4 ? ? ? 1_555 B DA  6  N6 ? ? A DT 7   B DA  18  1_555 ? ? ? ? ? ? WATSON-CRICK ?     ? ? 
hydrog19 hydrog ? ? A DT 8  N3 ? ? ? 1_555 B DA  5  N1 ? ? A DT 8   B DA  17  1_555 ? ? ? ? ? ? WATSON-CRICK ?     ? ? 
hydrog20 hydrog ? ? A DT 8  O4 ? ? ? 1_555 B DA  5  N6 ? ? A DT 8   B DA  17  1_555 ? ? ? ? ? ? WATSON-CRICK ?     ? ? 
hydrog21 hydrog ? ? A DC 9  N3 ? ? ? 1_555 B DG  4  N1 ? ? A DC 9   B DG  16  1_555 ? ? ? ? ? ? WATSON-CRICK ?     ? ? 
hydrog22 hydrog ? ? A DC 9  N4 ? ? ? 1_555 B DG  4  O6 ? ? A DC 9   B DG  16  1_555 ? ? ? ? ? ? WATSON-CRICK ?     ? ? 
hydrog23 hydrog ? ? A DC 9  O2 ? ? ? 1_555 B DG  4  N2 ? ? A DC 9   B DG  16  1_555 ? ? ? ? ? ? WATSON-CRICK ?     ? ? 
hydrog24 hydrog ? ? A DG 10 N1 ? ? ? 1_555 B DC  3  N3 ? ? A DG 10  B DC  15  1_555 ? ? ? ? ? ? WATSON-CRICK ?     ? ? 
hydrog25 hydrog ? ? A DG 10 N2 ? ? ? 1_555 B DC  3  O2 ? ? A DG 10  B DC  15  1_555 ? ? ? ? ? ? WATSON-CRICK ?     ? ? 
hydrog26 hydrog ? ? A DG 10 O6 ? ? ? 1_555 B DC  3  N4 ? ? A DG 10  B DC  15  1_555 ? ? ? ? ? ? WATSON-CRICK ?     ? ? 
hydrog27 hydrog ? ? A DC 11 N3 ? ? ? 1_555 B DG  2  N1 ? ? A DC 11  B DG  14  1_555 ? ? ? ? ? ? WATSON-CRICK ?     ? ? 
hydrog28 hydrog ? ? A DC 11 N4 ? ? ? 1_555 B DG  2  O6 ? ? A DC 11  B DG  14  1_555 ? ? ? ? ? ? WATSON-CRICK ?     ? ? 
hydrog29 hydrog ? ? A DC 11 O2 ? ? ? 1_555 B DG  2  N2 ? ? A DC 11  B DG  14  1_555 ? ? ? ? ? ? WATSON-CRICK ?     ? ? 
hydrog30 hydrog ? ? A DG 12 N1 ? ? ? 1_555 B DC  1  N3 ? ? A DG 12  B DC  13  1_555 ? ? ? ? ? ? WATSON-CRICK ?     ? ? 
hydrog31 hydrog ? ? A DG 12 N2 ? ? ? 1_555 B DC  1  O2 ? ? A DG 12  B DC  13  1_555 ? ? ? ? ? ? WATSON-CRICK ?     ? ? 
hydrog32 hydrog ? ? A DG 12 O6 ? ? ? 1_555 B DC  1  N4 ? ? A DG 12  B DC  13  1_555 ? ? ? ? ? ? WATSON-CRICK ?     ? ? 
# 
loop_
_struct_conn_type.id 
_struct_conn_type.criteria 
_struct_conn_type.reference 
metalc ? ? 
hydrog ? ? 
# 
loop_
_pdbx_struct_conn_angle.id 
_pdbx_struct_conn_angle.ptnr1_label_atom_id 
_pdbx_struct_conn_angle.ptnr1_label_alt_id 
_pdbx_struct_conn_angle.ptnr1_label_asym_id 
_pdbx_struct_conn_angle.ptnr1_label_comp_id 
_pdbx_struct_conn_angle.ptnr1_label_seq_id 
_pdbx_struct_conn_angle.ptnr1_auth_atom_id 
_pdbx_struct_conn_angle.ptnr1_auth_asym_id 
_pdbx_struct_conn_angle.ptnr1_auth_comp_id 
_pdbx_struct_conn_angle.ptnr1_auth_seq_id 
_pdbx_struct_conn_angle.ptnr1_PDB_ins_code 
_pdbx_struct_conn_angle.ptnr1_symmetry 
_pdbx_struct_conn_angle.ptnr2_label_atom_id 
_pdbx_struct_conn_angle.ptnr2_label_alt_id 
_pdbx_struct_conn_angle.ptnr2_label_asym_id 
_pdbx_struct_conn_angle.ptnr2_label_comp_id 
_pdbx_struct_conn_angle.ptnr2_label_seq_id 
_pdbx_struct_conn_angle.ptnr2_auth_atom_id 
_pdbx_struct_conn_angle.ptnr2_auth_asym_id 
_pdbx_struct_conn_angle.ptnr2_auth_comp_id 
_pdbx_struct_conn_angle.ptnr2_auth_seq_id 
_pdbx_struct_conn_angle.ptnr2_PDB_ins_code 
_pdbx_struct_conn_angle.ptnr2_symmetry 
_pdbx_struct_conn_angle.ptnr3_label_atom_id 
_pdbx_struct_conn_angle.ptnr3_label_alt_id 
_pdbx_struct_conn_angle.ptnr3_label_asym_id 
_pdbx_struct_conn_angle.ptnr3_label_comp_id 
_pdbx_struct_conn_angle.ptnr3_label_seq_id 
_pdbx_struct_conn_angle.ptnr3_auth_atom_id 
_pdbx_struct_conn_angle.ptnr3_auth_asym_id 
_pdbx_struct_conn_angle.ptnr3_auth_comp_id 
_pdbx_struct_conn_angle.ptnr3_auth_seq_id 
_pdbx_struct_conn_angle.ptnr3_PDB_ins_code 
_pdbx_struct_conn_angle.ptnr3_symmetry 
_pdbx_struct_conn_angle.value 
_pdbx_struct_conn_angle.value_esd 
1  N7 ? A DG  4  ? A DG  4   ? 1_555 PT ? F PT . ? A PT 104 ? 1_555 N ? G NH3 . ? A NH3 105 ? 1_555 177.8 ? 
2  N7 ? A DG  4  ? A DG  4   ? 1_555 PT ? F PT . ? A PT 104 ? 1_555 O B K HOH . ? A HOH 207 ? 1_555 114.5 ? 
3  N  ? G NH3 .  ? A NH3 105 ? 1_555 PT ? F PT . ? A PT 104 ? 1_555 O B K HOH . ? A HOH 207 ? 1_555 65.3  ? 
4  N7 ? A DG  10 ? A DG  10  ? 1_555 PT ? D PT . ? A PT 102 ? 1_555 N ? E NH3 . ? A NH3 103 ? 1_555 90.0  ? 
5  N7 ? A DG  10 ? A DG  10  ? 1_555 PT ? D PT . ? A PT 102 ? 1_555 O B K HOH . ? A HOH 232 ? 1_555 151.2 ? 
6  N  ? E NH3 .  ? A NH3 103 ? 1_555 PT ? D PT . ? A PT 102 ? 1_555 O B K HOH . ? A HOH 232 ? 1_555 78.9  ? 
7  O  ? K HOH .  ? A HOH 211 ? 1_555 MG ? C MG . ? A MG 101 ? 1_555 O ? K HOH . ? A HOH 217 ? 3_655 93.1  ? 
8  O  ? K HOH .  ? A HOH 211 ? 1_555 MG ? C MG . ? A MG 101 ? 1_555 O ? K HOH . ? A HOH 218 ? 1_555 90.8  ? 
9  O  ? K HOH .  ? A HOH 217 ? 3_655 MG ? C MG . ? A MG 101 ? 1_555 O ? K HOH . ? A HOH 218 ? 1_555 91.0  ? 
10 O  ? K HOH .  ? A HOH 211 ? 1_555 MG ? C MG . ? A MG 101 ? 1_555 O ? K HOH . ? A HOH 226 ? 3_655 175.3 ? 
11 O  ? K HOH .  ? A HOH 217 ? 3_655 MG ? C MG . ? A MG 101 ? 1_555 O ? K HOH . ? A HOH 226 ? 3_655 91.5  ? 
12 O  ? K HOH .  ? A HOH 218 ? 1_555 MG ? C MG . ? A MG 101 ? 1_555 O ? K HOH . ? A HOH 226 ? 3_655 88.2  ? 
13 O  ? K HOH .  ? A HOH 211 ? 1_555 MG ? C MG . ? A MG 101 ? 1_555 O ? K HOH . ? A HOH 231 ? 3_655 88.6  ? 
14 O  ? K HOH .  ? A HOH 217 ? 3_655 MG ? C MG . ? A MG 101 ? 1_555 O ? K HOH . ? A HOH 231 ? 3_655 88.3  ? 
15 O  ? K HOH .  ? A HOH 218 ? 1_555 MG ? C MG . ? A MG 101 ? 1_555 O ? K HOH . ? A HOH 231 ? 3_655 179.1 ? 
16 O  ? K HOH .  ? A HOH 226 ? 3_655 MG ? C MG . ? A MG 101 ? 1_555 O ? K HOH . ? A HOH 231 ? 3_655 92.4  ? 
17 O  ? K HOH .  ? A HOH 211 ? 1_555 MG ? C MG . ? A MG 101 ? 1_555 O ? L HOH . ? B HOH 217 ? 1_555 87.1  ? 
18 O  ? K HOH .  ? A HOH 217 ? 3_655 MG ? C MG . ? A MG 101 ? 1_555 O ? L HOH . ? B HOH 217 ? 1_555 178.2 ? 
19 O  ? K HOH .  ? A HOH 218 ? 1_555 MG ? C MG . ? A MG 101 ? 1_555 O ? L HOH . ? B HOH 217 ? 1_555 90.7  ? 
20 O  ? K HOH .  ? A HOH 226 ? 3_655 MG ? C MG . ? A MG 101 ? 1_555 O ? L HOH . ? B HOH 217 ? 1_555 88.3  ? 
21 O  ? K HOH .  ? A HOH 231 ? 3_655 MG ? C MG . ? A MG 101 ? 1_555 O ? L HOH . ? B HOH 217 ? 1_555 89.9  ? 
22 N7 ? B DG  4  ? B DG  16  ? 1_555 PT ? I PT . ? B PT 101 ? 1_555 N ? J NH3 . ? B NH3 102 ? 1_555 92.0  ? 
23 N7 ? B DG  4  ? B DG  16  ? 1_555 PT ? I PT . ? B PT 101 ? 1_555 O B L HOH . ? B HOH 222 ? 1_555 98.5  ? 
24 N  ? J NH3 .  ? B NH3 102 ? 1_555 PT ? I PT . ? B PT 101 ? 1_555 O B L HOH . ? B HOH 222 ? 1_555 125.9 ? 
# 
loop_
_pdbx_validate_rmsd_angle.id 
_pdbx_validate_rmsd_angle.PDB_model_num 
_pdbx_validate_rmsd_angle.auth_atom_id_1 
_pdbx_validate_rmsd_angle.auth_asym_id_1 
_pdbx_validate_rmsd_angle.auth_comp_id_1 
_pdbx_validate_rmsd_angle.auth_seq_id_1 
_pdbx_validate_rmsd_angle.PDB_ins_code_1 
_pdbx_validate_rmsd_angle.label_alt_id_1 
_pdbx_validate_rmsd_angle.auth_atom_id_2 
_pdbx_validate_rmsd_angle.auth_asym_id_2 
_pdbx_validate_rmsd_angle.auth_comp_id_2 
_pdbx_validate_rmsd_angle.auth_seq_id_2 
_pdbx_validate_rmsd_angle.PDB_ins_code_2 
_pdbx_validate_rmsd_angle.label_alt_id_2 
_pdbx_validate_rmsd_angle.auth_atom_id_3 
_pdbx_validate_rmsd_angle.auth_asym_id_3 
_pdbx_validate_rmsd_angle.auth_comp_id_3 
_pdbx_validate_rmsd_angle.auth_seq_id_3 
_pdbx_validate_rmsd_angle.PDB_ins_code_3 
_pdbx_validate_rmsd_angle.label_alt_id_3 
_pdbx_validate_rmsd_angle.angle_value 
_pdbx_validate_rmsd_angle.angle_target_value 
_pdbx_validate_rmsd_angle.angle_deviation 
_pdbx_validate_rmsd_angle.angle_standard_deviation 
_pdbx_validate_rmsd_angle.linker_flag 
1  1 OP1   A DA 5  ? ? P     A DA 5  ? ? OP2   A DA 5  ? ? 130.21 119.60 10.61 1.50 N 
2  1 "O5'" A DA 5  ? ? P     A DA 5  ? ? OP2   A DA 5  ? ? 99.41  105.70 -6.29 0.90 N 
3  1 "O4'" A DC 9  ? ? "C1'" A DC 9  ? ? N1    A DC 9  ? ? 103.02 108.00 -4.98 0.70 N 
4  1 "C3'" A DG 10 ? ? "C2'" A DG 10 ? ? "C1'" A DG 10 ? ? 97.37  102.40 -5.03 0.80 N 
5  1 "O4'" A DG 10 ? ? "C1'" A DG 10 ? ? N9    A DG 10 ? ? 110.63 108.30 2.33  0.30 N 
6  1 "O5'" A DG 12 ? ? P     A DG 12 ? ? OP2   A DG 12 ? ? 99.58  105.70 -6.12 0.90 N 
7  1 C4    B DG 16 ? ? C5    B DG 16 ? ? N7    B DG 16 ? ? 107.35 110.80 -3.45 0.40 N 
8  1 C5    B DG 16 ? ? N7    B DG 16 ? ? C8    B DG 16 ? ? 109.35 104.30 5.05  0.50 N 
9  1 OP1   B DA 18 ? ? P     B DA 18 ? ? OP2   B DA 18 ? ? 131.47 119.60 11.87 1.50 N 
10 1 "O5'" B DA 18 ? ? P     B DA 18 ? ? OP2   B DA 18 ? ? 99.77  105.70 -5.93 0.90 N 
11 1 OP1   B DT 19 ? ? P     B DT 19 ? ? OP2   B DT 19 ? ? 133.21 119.60 13.61 1.50 N 
12 1 OP1   B DC 21 ? ? P     B DC 21 ? ? OP2   B DC 21 ? ? 129.13 119.60 9.53  1.50 N 
13 1 OP1   B DG 22 ? ? P     B DG 22 ? ? OP2   B DG 22 ? ? 130.16 119.60 10.56 1.50 N 
14 1 "O5'" B DG 22 ? ? P     B DG 22 ? ? OP2   B DG 22 ? ? 98.63  105.70 -7.07 0.90 N 
15 1 OP1   B DC 23 ? ? P     B DC 23 ? ? OP2   B DC 23 ? ? 129.35 119.60 9.75  1.50 N 
16 1 N1    B DG 24 ? ? C6    B DG 24 ? ? O6    B DG 24 ? ? 123.78 119.90 3.88  0.60 N 
17 1 C5    B DG 24 ? ? C6    B DG 24 ? ? O6    B DG 24 ? ? 123.92 128.60 -4.68 0.60 N 
# 
_pdbx_validate_planes.id              1 
_pdbx_validate_planes.PDB_model_num   1 
_pdbx_validate_planes.auth_comp_id    DC 
_pdbx_validate_planes.auth_asym_id    B 
_pdbx_validate_planes.auth_seq_id     23 
_pdbx_validate_planes.PDB_ins_code    ? 
_pdbx_validate_planes.label_alt_id    ? 
_pdbx_validate_planes.rmsd            0.066 
_pdbx_validate_planes.type            'SIDE CHAIN' 
# 
_pdbx_entry_details.entry_id                   8RI3 
_pdbx_entry_details.nonpolymer_details         ? 
_pdbx_entry_details.sequence_details           ? 
_pdbx_entry_details.compound_details           ? 
_pdbx_entry_details.source_details             ? 
_pdbx_entry_details.has_ligand_of_interest     Y 
_pdbx_entry_details.has_protein_modification   ? 
# 
loop_
_chem_comp_atom.comp_id 
_chem_comp_atom.atom_id 
_chem_comp_atom.type_symbol 
_chem_comp_atom.pdbx_aromatic_flag 
_chem_comp_atom.pdbx_stereo_config 
_chem_comp_atom.pdbx_ordinal 
CL  CL     CL N N 1   
DA  OP3    O  N N 2   
DA  P      P  N N 3   
DA  OP1    O  N N 4   
DA  OP2    O  N N 5   
DA  "O5'"  O  N N 6   
DA  "C5'"  C  N N 7   
DA  "C4'"  C  N R 8   
DA  "O4'"  O  N N 9   
DA  "C3'"  C  N S 10  
DA  "O3'"  O  N N 11  
DA  "C2'"  C  N N 12  
DA  "C1'"  C  N R 13  
DA  N9     N  Y N 14  
DA  C8     C  Y N 15  
DA  N7     N  Y N 16  
DA  C5     C  Y N 17  
DA  C6     C  Y N 18  
DA  N6     N  N N 19  
DA  N1     N  Y N 20  
DA  C2     C  Y N 21  
DA  N3     N  Y N 22  
DA  C4     C  Y N 23  
DA  HOP3   H  N N 24  
DA  HOP2   H  N N 25  
DA  "H5'"  H  N N 26  
DA  "H5''" H  N N 27  
DA  "H4'"  H  N N 28  
DA  "H3'"  H  N N 29  
DA  "HO3'" H  N N 30  
DA  "H2'"  H  N N 31  
DA  "H2''" H  N N 32  
DA  "H1'"  H  N N 33  
DA  H8     H  N N 34  
DA  H61    H  N N 35  
DA  H62    H  N N 36  
DA  H2     H  N N 37  
DC  OP3    O  N N 38  
DC  P      P  N N 39  
DC  OP1    O  N N 40  
DC  OP2    O  N N 41  
DC  "O5'"  O  N N 42  
DC  "C5'"  C  N N 43  
DC  "C4'"  C  N R 44  
DC  "O4'"  O  N N 45  
DC  "C3'"  C  N S 46  
DC  "O3'"  O  N N 47  
DC  "C2'"  C  N N 48  
DC  "C1'"  C  N R 49  
DC  N1     N  N N 50  
DC  C2     C  N N 51  
DC  O2     O  N N 52  
DC  N3     N  N N 53  
DC  C4     C  N N 54  
DC  N4     N  N N 55  
DC  C5     C  N N 56  
DC  C6     C  N N 57  
DC  HOP3   H  N N 58  
DC  HOP2   H  N N 59  
DC  "H5'"  H  N N 60  
DC  "H5''" H  N N 61  
DC  "H4'"  H  N N 62  
DC  "H3'"  H  N N 63  
DC  "HO3'" H  N N 64  
DC  "H2'"  H  N N 65  
DC  "H2''" H  N N 66  
DC  "H1'"  H  N N 67  
DC  H41    H  N N 68  
DC  H42    H  N N 69  
DC  H5     H  N N 70  
DC  H6     H  N N 71  
DG  OP3    O  N N 72  
DG  P      P  N N 73  
DG  OP1    O  N N 74  
DG  OP2    O  N N 75  
DG  "O5'"  O  N N 76  
DG  "C5'"  C  N N 77  
DG  "C4'"  C  N R 78  
DG  "O4'"  O  N N 79  
DG  "C3'"  C  N S 80  
DG  "O3'"  O  N N 81  
DG  "C2'"  C  N N 82  
DG  "C1'"  C  N R 83  
DG  N9     N  Y N 84  
DG  C8     C  Y N 85  
DG  N7     N  Y N 86  
DG  C5     C  Y N 87  
DG  C6     C  N N 88  
DG  O6     O  N N 89  
DG  N1     N  N N 90  
DG  C2     C  N N 91  
DG  N2     N  N N 92  
DG  N3     N  N N 93  
DG  C4     C  Y N 94  
DG  HOP3   H  N N 95  
DG  HOP2   H  N N 96  
DG  "H5'"  H  N N 97  
DG  "H5''" H  N N 98  
DG  "H4'"  H  N N 99  
DG  "H3'"  H  N N 100 
DG  "HO3'" H  N N 101 
DG  "H2'"  H  N N 102 
DG  "H2''" H  N N 103 
DG  "H1'"  H  N N 104 
DG  H8     H  N N 105 
DG  H1     H  N N 106 
DG  H21    H  N N 107 
DG  H22    H  N N 108 
DT  OP3    O  N N 109 
DT  P      P  N N 110 
DT  OP1    O  N N 111 
DT  OP2    O  N N 112 
DT  "O5'"  O  N N 113 
DT  "C5'"  C  N N 114 
DT  "C4'"  C  N R 115 
DT  "O4'"  O  N N 116 
DT  "C3'"  C  N S 117 
DT  "O3'"  O  N N 118 
DT  "C2'"  C  N N 119 
DT  "C1'"  C  N R 120 
DT  N1     N  N N 121 
DT  C2     C  N N 122 
DT  O2     O  N N 123 
DT  N3     N  N N 124 
DT  C4     C  N N 125 
DT  O4     O  N N 126 
DT  C5     C  N N 127 
DT  C7     C  N N 128 
DT  C6     C  N N 129 
DT  HOP3   H  N N 130 
DT  HOP2   H  N N 131 
DT  "H5'"  H  N N 132 
DT  "H5''" H  N N 133 
DT  "H4'"  H  N N 134 
DT  "H3'"  H  N N 135 
DT  "HO3'" H  N N 136 
DT  "H2'"  H  N N 137 
DT  "H2''" H  N N 138 
DT  "H1'"  H  N N 139 
DT  H3     H  N N 140 
DT  H71    H  N N 141 
DT  H72    H  N N 142 
DT  H73    H  N N 143 
DT  H6     H  N N 144 
HOH O      O  N N 145 
HOH H1     H  N N 146 
HOH H2     H  N N 147 
MG  MG     MG N N 148 
NH3 N      N  N N 149 
NH3 HN1    H  N N 150 
NH3 HN2    H  N N 151 
NH3 HN3    H  N N 152 
PT  PT     PT N N 153 
# 
loop_
_chem_comp_bond.comp_id 
_chem_comp_bond.atom_id_1 
_chem_comp_bond.atom_id_2 
_chem_comp_bond.value_order 
_chem_comp_bond.pdbx_aromatic_flag 
_chem_comp_bond.pdbx_stereo_config 
_chem_comp_bond.pdbx_ordinal 
DA  OP3   P      sing N N 1   
DA  OP3   HOP3   sing N N 2   
DA  P     OP1    doub N N 3   
DA  P     OP2    sing N N 4   
DA  P     "O5'"  sing N N 5   
DA  OP2   HOP2   sing N N 6   
DA  "O5'" "C5'"  sing N N 7   
DA  "C5'" "C4'"  sing N N 8   
DA  "C5'" "H5'"  sing N N 9   
DA  "C5'" "H5''" sing N N 10  
DA  "C4'" "O4'"  sing N N 11  
DA  "C4'" "C3'"  sing N N 12  
DA  "C4'" "H4'"  sing N N 13  
DA  "O4'" "C1'"  sing N N 14  
DA  "C3'" "O3'"  sing N N 15  
DA  "C3'" "C2'"  sing N N 16  
DA  "C3'" "H3'"  sing N N 17  
DA  "O3'" "HO3'" sing N N 18  
DA  "C2'" "C1'"  sing N N 19  
DA  "C2'" "H2'"  sing N N 20  
DA  "C2'" "H2''" sing N N 21  
DA  "C1'" N9     sing N N 22  
DA  "C1'" "H1'"  sing N N 23  
DA  N9    C8     sing Y N 24  
DA  N9    C4     sing Y N 25  
DA  C8    N7     doub Y N 26  
DA  C8    H8     sing N N 27  
DA  N7    C5     sing Y N 28  
DA  C5    C6     sing Y N 29  
DA  C5    C4     doub Y N 30  
DA  C6    N6     sing N N 31  
DA  C6    N1     doub Y N 32  
DA  N6    H61    sing N N 33  
DA  N6    H62    sing N N 34  
DA  N1    C2     sing Y N 35  
DA  C2    N3     doub Y N 36  
DA  C2    H2     sing N N 37  
DA  N3    C4     sing Y N 38  
DC  OP3   P      sing N N 39  
DC  OP3   HOP3   sing N N 40  
DC  P     OP1    doub N N 41  
DC  P     OP2    sing N N 42  
DC  P     "O5'"  sing N N 43  
DC  OP2   HOP2   sing N N 44  
DC  "O5'" "C5'"  sing N N 45  
DC  "C5'" "C4'"  sing N N 46  
DC  "C5'" "H5'"  sing N N 47  
DC  "C5'" "H5''" sing N N 48  
DC  "C4'" "O4'"  sing N N 49  
DC  "C4'" "C3'"  sing N N 50  
DC  "C4'" "H4'"  sing N N 51  
DC  "O4'" "C1'"  sing N N 52  
DC  "C3'" "O3'"  sing N N 53  
DC  "C3'" "C2'"  sing N N 54  
DC  "C3'" "H3'"  sing N N 55  
DC  "O3'" "HO3'" sing N N 56  
DC  "C2'" "C1'"  sing N N 57  
DC  "C2'" "H2'"  sing N N 58  
DC  "C2'" "H2''" sing N N 59  
DC  "C1'" N1     sing N N 60  
DC  "C1'" "H1'"  sing N N 61  
DC  N1    C2     sing N N 62  
DC  N1    C6     sing N N 63  
DC  C2    O2     doub N N 64  
DC  C2    N3     sing N N 65  
DC  N3    C4     doub N N 66  
DC  C4    N4     sing N N 67  
DC  C4    C5     sing N N 68  
DC  N4    H41    sing N N 69  
DC  N4    H42    sing N N 70  
DC  C5    C6     doub N N 71  
DC  C5    H5     sing N N 72  
DC  C6    H6     sing N N 73  
DG  OP3   P      sing N N 74  
DG  OP3   HOP3   sing N N 75  
DG  P     OP1    doub N N 76  
DG  P     OP2    sing N N 77  
DG  P     "O5'"  sing N N 78  
DG  OP2   HOP2   sing N N 79  
DG  "O5'" "C5'"  sing N N 80  
DG  "C5'" "C4'"  sing N N 81  
DG  "C5'" "H5'"  sing N N 82  
DG  "C5'" "H5''" sing N N 83  
DG  "C4'" "O4'"  sing N N 84  
DG  "C4'" "C3'"  sing N N 85  
DG  "C4'" "H4'"  sing N N 86  
DG  "O4'" "C1'"  sing N N 87  
DG  "C3'" "O3'"  sing N N 88  
DG  "C3'" "C2'"  sing N N 89  
DG  "C3'" "H3'"  sing N N 90  
DG  "O3'" "HO3'" sing N N 91  
DG  "C2'" "C1'"  sing N N 92  
DG  "C2'" "H2'"  sing N N 93  
DG  "C2'" "H2''" sing N N 94  
DG  "C1'" N9     sing N N 95  
DG  "C1'" "H1'"  sing N N 96  
DG  N9    C8     sing Y N 97  
DG  N9    C4     sing Y N 98  
DG  C8    N7     doub Y N 99  
DG  C8    H8     sing N N 100 
DG  N7    C5     sing Y N 101 
DG  C5    C6     sing N N 102 
DG  C5    C4     doub Y N 103 
DG  C6    O6     doub N N 104 
DG  C6    N1     sing N N 105 
DG  N1    C2     sing N N 106 
DG  N1    H1     sing N N 107 
DG  C2    N2     sing N N 108 
DG  C2    N3     doub N N 109 
DG  N2    H21    sing N N 110 
DG  N2    H22    sing N N 111 
DG  N3    C4     sing N N 112 
DT  OP3   P      sing N N 113 
DT  OP3   HOP3   sing N N 114 
DT  P     OP1    doub N N 115 
DT  P     OP2    sing N N 116 
DT  P     "O5'"  sing N N 117 
DT  OP2   HOP2   sing N N 118 
DT  "O5'" "C5'"  sing N N 119 
DT  "C5'" "C4'"  sing N N 120 
DT  "C5'" "H5'"  sing N N 121 
DT  "C5'" "H5''" sing N N 122 
DT  "C4'" "O4'"  sing N N 123 
DT  "C4'" "C3'"  sing N N 124 
DT  "C4'" "H4'"  sing N N 125 
DT  "O4'" "C1'"  sing N N 126 
DT  "C3'" "O3'"  sing N N 127 
DT  "C3'" "C2'"  sing N N 128 
DT  "C3'" "H3'"  sing N N 129 
DT  "O3'" "HO3'" sing N N 130 
DT  "C2'" "C1'"  sing N N 131 
DT  "C2'" "H2'"  sing N N 132 
DT  "C2'" "H2''" sing N N 133 
DT  "C1'" N1     sing N N 134 
DT  "C1'" "H1'"  sing N N 135 
DT  N1    C2     sing N N 136 
DT  N1    C6     sing N N 137 
DT  C2    O2     doub N N 138 
DT  C2    N3     sing N N 139 
DT  N3    C4     sing N N 140 
DT  N3    H3     sing N N 141 
DT  C4    O4     doub N N 142 
DT  C4    C5     sing N N 143 
DT  C5    C7     sing N N 144 
DT  C5    C6     doub N N 145 
DT  C7    H71    sing N N 146 
DT  C7    H72    sing N N 147 
DT  C7    H73    sing N N 148 
DT  C6    H6     sing N N 149 
HOH O     H1     sing N N 150 
HOH O     H2     sing N N 151 
NH3 N     HN1    sing N N 152 
NH3 N     HN2    sing N N 153 
NH3 N     HN3    sing N N 154 
# 
_ndb_struct_conf_na.entry_id   8RI3 
_ndb_struct_conf_na.feature    'b-form double helix' 
# 
loop_
_ndb_struct_na_base_pair.model_number 
_ndb_struct_na_base_pair.i_label_asym_id 
_ndb_struct_na_base_pair.i_label_comp_id 
_ndb_struct_na_base_pair.i_label_seq_id 
_ndb_struct_na_base_pair.i_symmetry 
_ndb_struct_na_base_pair.j_label_asym_id 
_ndb_struct_na_base_pair.j_label_comp_id 
_ndb_struct_na_base_pair.j_label_seq_id 
_ndb_struct_na_base_pair.j_symmetry 
_ndb_struct_na_base_pair.shear 
_ndb_struct_na_base_pair.stretch 
_ndb_struct_na_base_pair.stagger 
_ndb_struct_na_base_pair.buckle 
_ndb_struct_na_base_pair.propeller 
_ndb_struct_na_base_pair.opening 
_ndb_struct_na_base_pair.pair_number 
_ndb_struct_na_base_pair.pair_name 
_ndb_struct_na_base_pair.i_auth_asym_id 
_ndb_struct_na_base_pair.i_auth_seq_id 
_ndb_struct_na_base_pair.i_PDB_ins_code 
_ndb_struct_na_base_pair.j_auth_asym_id 
_ndb_struct_na_base_pair.j_auth_seq_id 
_ndb_struct_na_base_pair.j_PDB_ins_code 
_ndb_struct_na_base_pair.hbond_type_28 
_ndb_struct_na_base_pair.hbond_type_12 
1 A DC 1  1_555 B DG 12 1_555 0.286  -0.187 0.036  3.916   -13.021 -1.929 1  A_DC1:DG24_B  A 1  ? B 24 ? 19 1 
1 A DG 2  1_555 B DC 11 1_555 -0.310 -0.231 0.383  5.996   -13.442 -1.860 2  A_DG2:DC23_B  A 2  ? B 23 ? 19 1 
1 A DC 3  1_555 B DG 10 1_555 0.108  -0.174 0.150  -1.892  -6.814  -1.064 3  A_DC3:DG22_B  A 3  ? B 22 ? 19 1 
1 A DG 4  1_555 B DC 9  1_555 -0.232 -0.137 -0.007 10.851  -8.676  1.033  4  A_DG4:DC21_B  A 4  ? B 21 ? 19 1 
1 A DA 5  1_555 B DT 8  1_555 0.023  -0.072 -0.018 5.984   -15.544 2.527  5  A_DA5:DT20_B  A 5  ? B 20 ? 20 1 
1 A DA 6  1_555 B DT 7  1_555 -0.041 -0.104 0.170  2.015   -16.462 4.577  6  A_DA6:DT19_B  A 6  ? B 19 ? 20 1 
1 A DT 7  1_555 B DA 6  1_555 -0.007 -0.139 0.112  -0.640  -17.155 3.468  7  A_DT7:DA18_B  A 7  ? B 18 ? 20 1 
1 A DT 8  1_555 B DA 5  1_555 -0.066 -0.160 -0.076 -2.093  -13.245 3.713  8  A_DT8:DA17_B  A 8  ? B 17 ? 20 1 
1 A DC 9  1_555 B DG 4  1_555 0.282  -0.083 0.085  -12.657 -8.978  -1.168 9  A_DC9:DG16_B  A 9  ? B 16 ? 19 1 
1 A DG 10 1_555 B DC 3  1_555 -0.083 -0.128 0.288  5.303   -8.591  0.338  10 A_DG10:DC15_B A 10 ? B 15 ? 19 1 
1 A DC 11 1_555 B DG 2  1_555 0.082  -0.210 0.187  1.433   -16.858 -4.405 11 A_DC11:DG14_B A 11 ? B 14 ? 19 1 
1 A DG 12 1_555 B DC 1  1_555 -0.332 -0.057 0.184  5.383   -5.065  -0.801 12 A_DG12:DC13_B A 12 ? B 13 ? 19 1 
# 
loop_
_ndb_struct_na_base_pair_step.model_number 
_ndb_struct_na_base_pair_step.i_label_asym_id_1 
_ndb_struct_na_base_pair_step.i_label_comp_id_1 
_ndb_struct_na_base_pair_step.i_label_seq_id_1 
_ndb_struct_na_base_pair_step.i_symmetry_1 
_ndb_struct_na_base_pair_step.j_label_asym_id_1 
_ndb_struct_na_base_pair_step.j_label_comp_id_1 
_ndb_struct_na_base_pair_step.j_label_seq_id_1 
_ndb_struct_na_base_pair_step.j_symmetry_1 
_ndb_struct_na_base_pair_step.i_label_asym_id_2 
_ndb_struct_na_base_pair_step.i_label_comp_id_2 
_ndb_struct_na_base_pair_step.i_label_seq_id_2 
_ndb_struct_na_base_pair_step.i_symmetry_2 
_ndb_struct_na_base_pair_step.j_label_asym_id_2 
_ndb_struct_na_base_pair_step.j_label_comp_id_2 
_ndb_struct_na_base_pair_step.j_label_seq_id_2 
_ndb_struct_na_base_pair_step.j_symmetry_2 
_ndb_struct_na_base_pair_step.shift 
_ndb_struct_na_base_pair_step.slide 
_ndb_struct_na_base_pair_step.rise 
_ndb_struct_na_base_pair_step.tilt 
_ndb_struct_na_base_pair_step.roll 
_ndb_struct_na_base_pair_step.twist 
_ndb_struct_na_base_pair_step.x_displacement 
_ndb_struct_na_base_pair_step.y_displacement 
_ndb_struct_na_base_pair_step.helical_rise 
_ndb_struct_na_base_pair_step.inclination 
_ndb_struct_na_base_pair_step.tip 
_ndb_struct_na_base_pair_step.helical_twist 
_ndb_struct_na_base_pair_step.step_number 
_ndb_struct_na_base_pair_step.step_name 
_ndb_struct_na_base_pair_step.i_auth_asym_id_1 
_ndb_struct_na_base_pair_step.i_auth_seq_id_1 
_ndb_struct_na_base_pair_step.i_PDB_ins_code_1 
_ndb_struct_na_base_pair_step.j_auth_asym_id_1 
_ndb_struct_na_base_pair_step.j_auth_seq_id_1 
_ndb_struct_na_base_pair_step.j_PDB_ins_code_1 
_ndb_struct_na_base_pair_step.i_auth_asym_id_2 
_ndb_struct_na_base_pair_step.i_auth_seq_id_2 
_ndb_struct_na_base_pair_step.i_PDB_ins_code_2 
_ndb_struct_na_base_pair_step.j_auth_asym_id_2 
_ndb_struct_na_base_pair_step.j_auth_seq_id_2 
_ndb_struct_na_base_pair_step.j_PDB_ins_code_2 
1 A DC 1  1_555 B DG 12 1_555 A DG 2  1_555 B DC 11 1_555 -0.048 0.119  3.237 -2.960 6.516  32.938 -0.849 -0.397 3.194 11.325  
5.144  33.686 1  AA_DC1DG2:DC23DG24_BB   A 1  ? B 24 ? A 2  ? B 23 ? 
1 A DG 2  1_555 B DC 11 1_555 A DC 3  1_555 B DG 10 1_555 0.493  0.588  3.535 2.253  -7.265 43.661 1.505  -0.429 3.419 -9.680  
-3.002 44.287 2  AA_DG2DC3:DG22DC23_BB   A 2  ? B 23 ? A 3  ? B 22 ? 
1 A DC 3  1_555 B DG 10 1_555 A DG 4  1_555 B DC 9  1_555 -0.158 0.596  3.095 1.227  9.843  24.827 -1.225 0.655  3.090 21.815  
-2.719 26.706 3  AA_DC3DG4:DC21DG22_BB   A 3  ? B 22 ? A 4  ? B 21 ? 
1 A DG 4  1_555 B DC 9  1_555 A DA 5  1_555 B DT 8  1_555 -0.214 -0.048 3.368 -0.515 2.560  37.435 -0.419 0.264  3.360 3.982   
0.802  37.523 4  AA_DG4DA5:DT20DC21_BB   A 4  ? B 21 ? A 5  ? B 20 ? 
1 A DA 5  1_555 B DT 8  1_555 A DA 6  1_555 B DT 7  1_555 0.103  -0.367 3.274 -1.645 0.311  36.569 -0.626 -0.390 3.263 0.495   
2.620  36.606 5  AA_DA5DA6:DT19DT20_BB   A 5  ? B 20 ? A 6  ? B 19 ? 
1 A DA 6  1_555 B DT 7  1_555 A DT 7  1_555 B DA 6  1_555 0.052  -0.607 3.244 0.730  -1.120 33.081 -0.877 0.030  3.263 -1.966  
-1.281 33.108 6  AA_DA6DT7:DA18DT19_BB   A 6  ? B 19 ? A 7  ? B 18 ? 
1 A DT 7  1_555 B DA 6  1_555 A DT 8  1_555 B DA 5  1_555 -0.080 -0.361 3.249 2.044  -1.257 33.881 -0.418 0.462  3.249 -2.154  
-3.503 33.963 7  AA_DT7DT8:DA17DA18_BB   A 7  ? B 18 ? A 8  ? B 17 ? 
1 A DT 8  1_555 B DA 5  1_555 A DC 9  1_555 B DG 4  1_555 -0.225 -0.251 3.491 -0.108 -1.109 42.525 -0.226 0.299  3.497 -1.529  
0.148  42.539 8  AA_DT8DC9:DG16DA17_BB   A 8  ? B 17 ? A 9  ? B 16 ? 
1 A DC 9  1_555 B DG 4  1_555 A DG 10 1_555 B DC 3  1_555 0.612  0.679  2.986 -3.060 3.285  25.901 0.684  -2.100 2.957 7.259   
6.761  26.280 9  AA_DC9DG10:DC15DG16_BB  A 9  ? B 16 ? A 10 ? B 15 ? 
1 A DG 10 1_555 B DC 3  1_555 A DC 11 1_555 B DG 2  1_555 -1.250 0.429  3.426 -2.836 -8.527 42.334 1.456  1.406  3.355 -11.651 
3.875  43.234 10 AA_DG10DC11:DG14DC15_BB A 10 ? B 15 ? A 11 ? B 14 ? 
1 A DC 11 1_555 B DG 2  1_555 A DG 12 1_555 B DC 1  1_555 0.045  0.309  3.230 -0.290 4.525  32.196 -0.236 -0.131 3.241 8.110   
0.520  32.505 11 AA_DC11DG12:DC13DG14_BB A 11 ? B 14 ? A 12 ? B 13 ? 
# 
_pdbx_audit_support.funding_organization   'Not funded' 
_pdbx_audit_support.country                ? 
_pdbx_audit_support.grant_number           ? 
_pdbx_audit_support.ordinal                1 
# 
_pdbx_entity_instance_feature.ordinal        1 
_pdbx_entity_instance_feature.comp_id        PT 
_pdbx_entity_instance_feature.asym_id        ? 
_pdbx_entity_instance_feature.seq_num        ? 
_pdbx_entity_instance_feature.auth_comp_id   PT 
_pdbx_entity_instance_feature.auth_asym_id   ? 
_pdbx_entity_instance_feature.auth_seq_num   ? 
_pdbx_entity_instance_feature.feature_type   'SUBJECT OF INVESTIGATION' 
_pdbx_entity_instance_feature.details        ? 
# 
_pdbx_initial_refinement_model.id               1 
_pdbx_initial_refinement_model.entity_id_list   ? 
_pdbx_initial_refinement_model.type             'experimental model' 
_pdbx_initial_refinement_model.source_name      PDB 
_pdbx_initial_refinement_model.accession_code   3U2N 
_pdbx_initial_refinement_model.details          ? 
# 
_atom_sites.entry_id                    8RI3 
_atom_sites.Cartn_transf_matrix[1][1]   ? 
_atom_sites.Cartn_transf_matrix[1][2]   ? 
_atom_sites.Cartn_transf_matrix[1][3]   ? 
_atom_sites.Cartn_transf_matrix[2][1]   ? 
_atom_sites.Cartn_transf_matrix[2][2]   ? 
_atom_sites.Cartn_transf_matrix[2][3]   ? 
_atom_sites.Cartn_transf_matrix[3][1]   ? 
_atom_sites.Cartn_transf_matrix[3][2]   ? 
_atom_sites.Cartn_transf_matrix[3][3]   ? 
_atom_sites.Cartn_transf_vector[1]      ? 
_atom_sites.Cartn_transf_vector[2]      ? 
_atom_sites.Cartn_transf_vector[3]      ? 
_atom_sites.Cartn_transform_axes        ? 
_atom_sites.fract_transf_matrix[1][1]   0.02967211 
_atom_sites.fract_transf_matrix[1][2]   -0.00733062 
_atom_sites.fract_transf_matrix[1][3]   -0.02442366 
_atom_sites.fract_transf_matrix[2][1]   -0.01461182 
_atom_sites.fract_transf_matrix[2][2]   -0.01495228 
_atom_sites.fract_transf_matrix[2][3]   -0.01326394 
_atom_sites.fract_transf_matrix[3][1]   -0.00421241 
_atom_sites.fract_transf_matrix[3][2]   0.01179735 
_atom_sites.fract_transf_matrix[3][3]   -0.00865853 
_atom_sites.fract_transf_vector[1]      0.583610 
_atom_sites.fract_transf_vector[2]      0.517320 
_atom_sites.fract_transf_vector[3]      0.132226 
_atom_sites.solution_primary            ? 
_atom_sites.solution_secondary          ? 
_atom_sites.solution_hydrogens          ? 
_atom_sites.special_details             ? 
# 
loop_
_atom_type.symbol 
_atom_type.pdbx_scat_Z 
_atom_type.pdbx_N_electrons 
_atom_type.scat_Cromer_Mann_a1 
_atom_type.scat_Cromer_Mann_b1 
_atom_type.scat_Cromer_Mann_a2 
_atom_type.scat_Cromer_Mann_b2 
_atom_type.scat_Cromer_Mann_a3 
_atom_type.scat_Cromer_Mann_b3 
_atom_type.scat_Cromer_Mann_a4 
_atom_type.scat_Cromer_Mann_b4 
_atom_type.scat_Cromer_Mann_c 
C  6  6  2.310  20.844 1.020  10.208 1.589  0.569  0.865 51.651 0.216   
CL 17 17 11.460 0.010  7.196  1.166  6.255  18.519 1.645 47.778 -9.338  
H  1  1  0.493  10.511 0.323  26.126 0.140  3.142  0.041 57.800 0.003   
MG 12 12 5.427  2.828  2.176  79.261 1.228  0.381  2.310 7.194  0.938   
N  7  7  12.222 0.006  3.135  9.893  2.014  28.997 1.167 0.583  -11.538 
O  8  8  3.049  13.277 2.287  5.701  1.546  0.324  0.867 32.909 0.251   
P  15 15 6.435  1.907  4.179  27.157 1.780  0.526  1.491 68.164 1.273   
PT 78 78 27.022 1.513  17.774 8.812  15.722 0.425  5.787 38.610 3.217   
# 
loop_
_atom_site.group_PDB 
_atom_site.id 
_atom_site.type_symbol 
_atom_site.label_atom_id 
_atom_site.label_alt_id 
_atom_site.label_comp_id 
_atom_site.label_asym_id 
_atom_site.label_entity_id 
_atom_site.label_seq_id 
_atom_site.pdbx_PDB_ins_code 
_atom_site.Cartn_x 
_atom_site.Cartn_y 
_atom_site.Cartn_z 
_atom_site.occupancy 
_atom_site.B_iso_or_equiv 
_atom_site.pdbx_formal_charge 
_atom_site.auth_seq_id 
_atom_site.auth_comp_id 
_atom_site.auth_asym_id 
_atom_site.auth_atom_id 
_atom_site.pdbx_PDB_model_num 
_atom_site.calc_flag 
ATOM   1   O  "O5'" . DC  A 1 1  ? -8.137  1.850   -19.418 1.000 24.929 0 1   DC  A "O5'" 1 ? 
ATOM   2   C  "C5'" . DC  A 1 1  ? -8.078  2.997   -18.525 1.000 21.426 0 1   DC  A "C5'" 1 ? 
ATOM   3   C  "C4'" . DC  A 1 1  ? -6.659  3.495   -18.464 1.000 20.124 0 1   DC  A "C4'" 1 ? 
ATOM   4   O  "O4'" . DC  A 1 1  ? -6.639  4.771   -17.785 1.000 17.015 0 1   DC  A "O4'" 1 ? 
ATOM   5   C  "C3'" . DC  A 1 1  ? -5.674  2.617   -17.693 1.000 20.253 0 1   DC  A "C3'" 1 ? 
ATOM   6   O  "O3'" . DC  A 1 1  ? -4.388  2.760   -18.324 1.000 23.280 0 1   DC  A "O3'" 1 ? 
ATOM   7   C  "C2'" . DC  A 1 1  ? -5.763  3.219   -16.300 1.000 18.691 0 1   DC  A "C2'" 1 ? 
ATOM   8   C  "C1'" . DC  A 1 1  ? -5.819  4.703   -16.633 1.000 17.007 0 1   DC  A "C1'" 1 ? 
ATOM   9   N  N1    . DC  A 1 1  ? -6.461  5.600   -15.667 1.000 14.205 0 1   DC  A N1    1 ? 
ATOM   10  C  C2    . DC  A 1 1  ? -5.894  6.871   -15.435 1.000 13.417 0 1   DC  A C2    1 ? 
ATOM   11  O  O2    . DC  A 1 1  ? -4.814  7.135   -15.987 1.000 16.777 0 1   DC  A O2    1 ? 
ATOM   12  N  N3    . DC  A 1 1  ? -6.504  7.718   -14.609 1.000 13.167 0 1   DC  A N3    1 ? 
ATOM   13  C  C4    . DC  A 1 1  ? -7.656  7.380   -14.006 1.000 14.725 0 1   DC  A C4    1 ? 
ATOM   14  N  N4    . DC  A 1 1  ? -8.230  8.244   -13.192 1.000 14.662 0 1   DC  A N4    1 ? 
ATOM   15  C  C5    . DC  A 1 1  ? -8.249  6.107   -14.226 1.000 15.906 0 1   DC  A C5    1 ? 
ATOM   16  C  C6    . DC  A 1 1  ? -7.650  5.283   -15.090 1.000 15.767 0 1   DC  A C6    1 ? 
ATOM   17  P  P     . DG  A 1 2  ? -3.274  1.664   -17.938 1.000 23.542 0 2   DG  A P     1 ? 
ATOM   18  O  OP1   . DG  A 1 2  ? -2.407  1.406   -19.147 1.000 26.756 0 2   DG  A OP1   1 ? 
ATOM   19  O  OP2   . DG  A 1 2  ? -3.847  0.579   -17.065 1.000 22.148 0 2   DG  A OP2   1 ? 
ATOM   20  O  "O5'" . DG  A 1 2  ? -2.308  2.516   -16.969 1.000 22.185 0 2   DG  A "O5'" 1 ? 
ATOM   21  C  "C5'" . DG  A 1 2  ? -1.669  3.646   -17.565 1.000 21.957 0 2   DG  A "C5'" 1 ? 
ATOM   22  C  "C4'" . DG  A 1 2  ? -0.808  4.281   -16.519 1.000 20.465 0 2   DG  A "C4'" 1 ? 
ATOM   23  O  "O4'" . DG  A 1 2  ? -1.636  5.075   -15.643 1.000 20.701 0 2   DG  A "O4'" 1 ? 
ATOM   24  C  "C3'" . DG  A 1 2  ? -0.050  3.290   -15.641 1.000 20.693 0 2   DG  A "C3'" 1 ? 
ATOM   25  O  "O3'" . DG  A 1 2  ? 1.249   3.857   -15.531 1.000 25.595 0 2   DG  A "O3'" 1 ? 
ATOM   26  C  "C2'" . DG  A 1 2  ? -0.839  3.286   -14.337 1.000 17.688 0 2   DG  A "C2'" 1 ? 
ATOM   27  C  "C1'" . DG  A 1 2  ? -1.333  4.710   -14.304 1.000 18.060 0 2   DG  A "C1'" 1 ? 
ATOM   28  N  N9    . DG  A 1 2  ? -2.558  4.932   -13.555 1.000 16.248 0 2   DG  A N9    1 ? 
ATOM   29  C  C8    . DG  A 1 2  ? -3.657  4.114   -13.445 1.000 15.811 0 2   DG  A C8    1 ? 
ATOM   30  N  N7    . DG  A 1 2  ? -4.626  4.668   -12.736 1.000 14.798 0 2   DG  A N7    1 ? 
ATOM   31  C  C5    . DG  A 1 2  ? -4.149  5.932   -12.423 1.000 12.073 0 2   DG  A C5    1 ? 
ATOM   32  C  C6    . DG  A 1 2  ? -4.733  6.982   -11.660 1.000 12.368 0 2   DG  A C6    1 ? 
ATOM   33  O  O6    . DG  A 1 2  ? -5.858  7.005   -11.120 1.000 13.273 0 2   DG  A O6    1 ? 
ATOM   34  N  N1    . DG  A 1 2  ? -3.883  8.079   -11.541 1.000 11.418 0 2   DG  A N1    1 ? 
ATOM   35  C  C2    . DG  A 1 2  ? -2.628  8.181   -12.095 1.000 12.405 0 2   DG  A C2    1 ? 
ATOM   36  N  N2    . DG  A 1 2  ? -1.955  9.309   -11.870 1.000 12.148 0 2   DG  A N2    1 ? 
ATOM   37  N  N3    . DG  A 1 2  ? -2.086  7.198   -12.817 1.000 12.457 0 2   DG  A N3    1 ? 
ATOM   38  C  C4    . DG  A 1 2  ? -2.882  6.113   -12.945 1.000 13.967 0 2   DG  A C4    1 ? 
ATOM   39  P  P     . DC  A 1 3  ? 2.437   2.942   -14.961 1.000 25.948 0 3   DC  A P     1 ? 
ATOM   40  O  OP1   . DC  A 1 3  ? 3.422   2.786   -16.081 1.000 31.371 0 3   DC  A OP1   1 ? 
ATOM   41  O  OP2   . DC  A 1 3  ? 1.971   1.855   -14.031 1.000 30.977 0 3   DC  A OP2   1 ? 
ATOM   42  O  "O5'" . DC  A 1 3  ? 3.122   3.978   -13.947 1.000 23.531 0 3   DC  A "O5'" 1 ? 
ATOM   43  C  "C5'" . DC  A 1 3  ? 3.183   5.376   -14.241 1.000 20.189 0 3   DC  A "C5'" 1 ? 
ATOM   44  C  "C4'" . DC  A 1 3  ? 3.006   6.110   -12.943 1.000 17.596 0 3   DC  A "C4'" 1 ? 
ATOM   45  O  "O4'" . DC  A 1 3  ? 1.628   6.056   -12.540 1.000 16.499 0 3   DC  A "O4'" 1 ? 
ATOM   46  C  "C3'" . DC  A 1 3  ? 3.803   5.536   -11.771 1.000 18.234 0 3   DC  A "C3'" 1 ? 
ATOM   47  O  "O3'" . DC  A 1 3  ? 4.901   6.410   -11.574 1.000 21.402 0 3   DC  A "O3'" 1 ? 
ATOM   48  C  "C2'" . DC  A 1 3  ? 2.851   5.606   -10.585 1.000 19.527 0 3   DC  A "C2'" 1 ? 
ATOM   49  C  "C1'" . DC  A 1 3  ? 1.582   6.241   -11.125 1.000 16.858 0 3   DC  A "C1'" 1 ? 
ATOM   50  N  N1    . DC  A 1 3  ? 0.352   5.558   -10.700 1.000 15.292 0 3   DC  A N1    1 ? 
ATOM   51  C  C2    . DC  A 1 3  ? -0.621  6.255   -9.959  1.000 12.004 0 3   DC  A C2    1 ? 
ATOM   52  O  O2    . DC  A 1 3  ? -0.390  7.409   -9.613  1.000 13.110 0 3   DC  A O2    1 ? 
ATOM   53  N  N3    . DC  A 1 3  ? -1.767  5.599   -9.637  1.000 13.235 0 3   DC  A N3    1 ? 
ATOM   54  C  C4    . DC  A 1 3  ? -1.958  4.335   -10.022 1.000 15.473 0 3   DC  A C4    1 ? 
ATOM   55  N  N4    . DC  A 1 3  ? -3.118  3.740   -9.740  1.000 16.675 0 3   DC  A N4    1 ? 
ATOM   56  C  C5    . DC  A 1 3  ? -0.961  3.609   -10.745 1.000 16.802 0 3   DC  A C5    1 ? 
ATOM   57  C  C6    . DC  A 1 3  ? 0.165   4.270   -11.055 1.000 15.898 0 3   DC  A C6    1 ? 
ATOM   58  P  P     . DG  A 1 4  ? 6.011   5.908   -10.518 1.000 27.128 0 4   DG  A P     1 ? 
ATOM   59  O  OP1   . DG  A 1 4  ? 7.237   6.595   -11.039 1.000 30.226 0 4   DG  A OP1   1 ? 
ATOM   60  O  OP2   . DG  A 1 4  ? 5.844   4.433   -10.311 1.000 26.681 0 4   DG  A OP2   1 ? 
ATOM   61  O  "O5'" . DG  A 1 4  ? 5.529   6.587   -9.142  1.000 23.180 0 4   DG  A "O5'" 1 ? 
ATOM   62  C  "C5'" . DG  A 1 4  ? 5.456   8.028   -9.051  1.000 22.967 0 4   DG  A "C5'" 1 ? 
ATOM   63  C  "C4'" . DG  A 1 4  ? 4.891   8.369   -7.701  1.000 24.074 0 4   DG  A "C4'" 1 ? 
ATOM   64  O  "O4'" . DG  A 1 4  ? 3.562   7.836   -7.634  1.000 22.321 0 4   DG  A "O4'" 1 ? 
ATOM   65  C  "C3'" . DG  A 1 4  ? 5.673   7.764   -6.533  1.000 25.441 0 4   DG  A "C3'" 1 ? 
ATOM   66  O  "O3'" . DG  A 1 4  ? 5.753   8.794   -5.571  1.000 30.914 0 4   DG  A "O3'" 1 ? 
ATOM   67  C  "C2'" . DG  A 1 4  ? 4.823   6.562   -6.147  1.000 25.055 0 4   DG  A "C2'" 1 ? 
ATOM   68  C  "C1'" . DG  A 1 4  ? 3.414   7.035   -6.474  1.000 22.512 0 4   DG  A "C1'" 1 ? 
ATOM   69  N  N9    . DG  A 1 4  ? 2.454   5.979   -6.767  1.000 17.376 0 4   DG  A N9    1 ? 
ATOM   70  C  C8    . DG  A 1 4  ? 2.646   4.778   -7.392  1.000 16.010 0 4   DG  A C8    1 ? 
ATOM   71  N  N7    . DG  A 1 4  ? 1.567   4.052   -7.512  1.000 19.799 0 4   DG  A N7    1 ? 
ATOM   72  C  C5    . DG  A 1 4  ? 0.579   4.821   -6.905  1.000 16.258 0 4   DG  A C5    1 ? 
ATOM   73  C  C6    . DG  A 1 4  ? -0.798  4.524   -6.663  1.000 15.715 0 4   DG  A C6    1 ? 
ATOM   74  O  O6    . DG  A 1 4  ? -1.467  3.535   -6.996  1.000 20.332 0 4   DG  A O6    1 ? 
ATOM   75  N  N1    . DG  A 1 4  ? -1.411  5.598   -6.016  1.000 14.993 0 4   DG  A N1    1 ? 
ATOM   76  C  C2    . DG  A 1 4  ? -0.791  6.724   -5.560  1.000 15.957 0 4   DG  A C2    1 ? 
ATOM   77  N  N2    . DG  A 1 4  ? -1.548  7.647   -4.945  1.000 17.610 0 4   DG  A N2    1 ? 
ATOM   78  N  N3    . DG  A 1 4  ? 0.491   7.010   -5.791  1.000 16.788 0 4   DG  A N3    1 ? 
ATOM   79  C  C4    . DG  A 1 4  ? 1.110   6.003   -6.445  1.000 17.090 0 4   DG  A C4    1 ? 
ATOM   80  P  P     . DA  A 1 5  ? 6.521   8.495   -4.182  1.000 29.786 0 5   DA  A P     1 ? 
ATOM   81  O  OP1   . DA  A 1 5  ? 7.366   9.718   -3.977  1.000 34.300 0 5   DA  A OP1   1 ? 
ATOM   82  O  OP2   . DA  A 1 5  ? 6.839   7.043   -3.946  1.000 29.109 0 5   DA  A OP2   1 ? 
ATOM   83  O  "O5'" . DA  A 1 5  ? 5.309   8.667   -3.152  1.000 25.527 0 5   DA  A "O5'" 1 ? 
ATOM   84  C  "C5'" . DA  A 1 5  ? 4.671   9.934   -3.090  1.000 23.356 0 5   DA  A "C5'" 1 ? 
ATOM   85  C  "C4'" . DA  A 1 5  ? 3.428   9.744   -2.282  1.000 22.889 0 5   DA  A "C4'" 1 ? 
ATOM   86  O  "O4'" . DA  A 1 5  ? 2.688   8.641   -2.844  1.000 21.492 0 5   DA  A "O4'" 1 ? 
ATOM   87  C  "C3'" . DA  A 1 5  ? 3.676   9.444   -0.800  1.000 21.266 0 5   DA  A "C3'" 1 ? 
ATOM   88  O  "O3'" . DA  A 1 5  ? 2.871   10.425  -0.097  1.000 21.424 0 5   DA  A "O3'" 1 ? 
ATOM   89  C  "C2'" . DA  A 1 5  ? 3.245   7.984   -0.666  1.000 20.781 0 5   DA  A "C2'" 1 ? 
ATOM   90  C  "C1'" . DA  A 1 5  ? 2.209   7.808   -1.784  1.000 19.259 0 5   DA  A "C1'" 1 ? 
ATOM   91  N  N9    . DA  A 1 5  ? 2.065   6.496   -2.395  1.000 17.257 0 5   DA  A N9    1 ? 
ATOM   92  C  C8    . DA  A 1 5  ? 3.021   5.748   -3.033  1.000 15.341 0 5   DA  A C8    1 ? 
ATOM   93  N  N7    . DA  A 1 5  ? 2.577   4.640   -3.550  1.000 16.304 0 5   DA  A N7    1 ? 
ATOM   94  C  C5    . DA  A 1 5  ? 1.229   4.638   -3.223  1.000 14.489 0 5   DA  A C5    1 ? 
ATOM   95  C  C6    . DA  A 1 5  ? 0.198   3.719   -3.477  1.000 13.296 0 5   DA  A C6    1 ? 
ATOM   96  N  N6    . DA  A 1 5  ? 0.352   2.575   -4.116  1.000 14.386 0 5   DA  A N6    1 ? 
ATOM   97  N  N1    . DA  A 1 5  ? -1.024  4.025   -3.005  1.000 13.532 0 5   DA  A N1    1 ? 
ATOM   98  C  C2    . DA  A 1 5  ? -1.189  5.164   -2.344  1.000 13.964 0 5   DA  A C2    1 ? 
ATOM   99  N  N3    . DA  A 1 5  ? -0.312  6.114   -2.059  1.000 17.155 0 5   DA  A N3    1 ? 
ATOM   100 C  C4    . DA  A 1 5  ? 0.895   5.793   -2.545  1.000 15.727 0 5   DA  A C4    1 ? 
ATOM   101 P  P     . DA  A 1 6  ? 2.874   10.409  1.527   1.000 23.513 0 6   DA  A P     1 ? 
ATOM   102 O  OP1   . DA  A 1 6  ? 2.362   11.771  1.933   1.000 21.152 0 6   DA  A OP1   1 ? 
ATOM   103 O  OP2   . DA  A 1 6  ? 4.151   9.860   2.051   1.000 23.154 0 6   DA  A OP2   1 ? 
ATOM   104 O  "O5'" . DA  A 1 6  ? 1.755   9.296   1.804   1.000 19.552 0 6   DA  A "O5'" 1 ? 
ATOM   105 C  "C5'" . DA  A 1 6  ? 0.388   9.706   1.639   1.000 17.088 0 6   DA  A "C5'" 1 ? 
ATOM   106 C  "C4'" . DA  A 1 6  ? -0.527  8.627   2.145   1.000 15.663 0 6   DA  A "C4'" 1 ? 
ATOM   107 O  "O4'" . DA  A 1 6  ? -0.353  7.470   1.298   1.000 15.819 0 6   DA  A "O4'" 1 ? 
ATOM   108 C  "C3'" . DA  A 1 6  ? -0.247  8.213   3.591   1.000 15.327 0 6   DA  A "C3'" 1 ? 
ATOM   109 O  "O3'" . DA  A 1 6  ? -1.500  8.416   4.265   1.000 16.796 0 6   DA  A "O3'" 1 ? 
ATOM   110 C  "C2'" . DA  A 1 6  ? 0.259   6.770   3.441   1.000 15.756 0 6   DA  A "C2'" 1 ? 
ATOM   111 C  "C1'" . DA  A 1 6  ? -0.345  6.307   2.120   1.000 14.425 0 6   DA  A "C1'" 1 ? 
ATOM   112 N  N9    . DA  A 1 6  ? 0.363   5.252   1.395   1.000 13.854 0 6   DA  A N9    1 ? 
ATOM   113 C  C8    . DA  A 1 6  ? 1.687   5.257   1.034   1.000 11.932 0 6   DA  A C8    1 ? 
ATOM   114 N  N7    . DA  A 1 6  ? 2.040   4.180   0.367   1.000 11.458 0 6   DA  A N7    1 ? 
ATOM   115 C  C5    . DA  A 1 6  ? 0.861   3.476   0.166   1.000 11.191 0 6   DA  A C5    1 ? 
ATOM   116 C  C6    . DA  A 1 6  ? 0.590   2.232   -0.466  1.000 11.079 0 6   DA  A C6    1 ? 
ATOM   117 N  N6    . DA  A 1 6  ? 1.523   1.549   -1.140  1.000 12.114 0 6   DA  A N6    1 ? 
ATOM   118 N  N1    . DA  A 1 6  ? -0.684  1.753   -0.427  1.000 11.452 0 6   DA  A N1    1 ? 
ATOM   119 C  C2    . DA  A 1 6  ? -1.582  2.494   0.224   1.000 11.884 0 6   DA  A C2    1 ? 
ATOM   120 N  N3    . DA  A 1 6  ? -1.442  3.655   0.848   1.000 13.094 0 6   DA  A N3    1 ? 
ATOM   121 C  C4    . DA  A 1 6  ? -0.176  4.119   0.809   1.000 10.808 0 6   DA  A C4    1 ? 
ATOM   122 P  P     . DT  A 1 7  ? -1.626  8.023   5.818   1.000 16.773 0 7   DT  A P     1 ? 
ATOM   123 O  OP1   . DT  A 1 7  ? -2.815  8.833   6.246   1.000 18.866 0 7   DT  A OP1   1 ? 
ATOM   124 O  OP2   . DT  A 1 7  ? -0.312  7.935   6.535   1.000 17.574 0 7   DT  A OP2   1 ? 
ATOM   125 O  "O5'" . DT  A 1 7  ? -2.115  6.511   5.650   1.000 15.777 0 7   DT  A "O5'" 1 ? 
ATOM   126 C  "C5'" . DT  A 1 7  ? -3.368  6.242   4.982   1.000 14.789 0 7   DT  A "C5'" 1 ? 
ATOM   127 C  "C4'" . DT  A 1 7  ? -3.569  4.756   4.903   1.000 14.889 0 7   DT  A "C4'" 1 ? 
ATOM   128 O  "O4'" . DT  A 1 7  ? -2.569  4.151   4.040   1.000 13.304 0 7   DT  A "O4'" 1 ? 
ATOM   129 C  "C3'" . DT  A 1 7  ? -3.530  4.016   6.245   1.000 14.153 0 7   DT  A "C3'" 1 ? 
ATOM   130 O  "O3'" . DT  A 1 7  ? -4.894  3.636   6.403   1.000 17.740 0 7   DT  A "O3'" 1 ? 
ATOM   131 C  "C2'" . DT  A 1 7  ? -2.505  2.903   6.026   1.000 13.979 0 7   DT  A "C2'" 1 ? 
ATOM   132 C  "C1'" . DT  A 1 7  ? -2.406  2.811   4.513   1.000 13.648 0 7   DT  A "C1'" 1 ? 
ATOM   133 N  N1    . DT  A 1 7  ? -1.111  2.323   3.992   1.000 11.847 0 7   DT  A N1    1 ? 
ATOM   134 C  C2    . DT  A 1 7  ? -1.099  1.181   3.210   1.000 11.310 0 7   DT  A C2    1 ? 
ATOM   135 O  O2    . DT  A 1 7  ? -2.095  0.487   3.010   1.000 12.036 0 7   DT  A O2    1 ? 
ATOM   136 N  N3    . DT  A 1 7  ? 0.141   0.839   2.749   1.000 11.036 0 7   DT  A N3    1 ? 
ATOM   137 C  C4    . DT  A 1 7  ? 1.341   1.503   2.898   1.000 11.396 0 7   DT  A C4    1 ? 
ATOM   138 O  O4    . DT  A 1 7  ? 2.382   1.028   2.389   1.000 12.597 0 7   DT  A O4    1 ? 
ATOM   139 C  C5    . DT  A 1 7  ? 1.269   2.663   3.765   1.000 11.206 0 7   DT  A C5    1 ? 
ATOM   140 C  C7    . DT  A 1 7  ? 2.515   3.448   4.044   1.000 13.237 0 7   DT  A C7    1 ? 
ATOM   141 C  C6    . DT  A 1 7  ? 0.054   3.016   4.229   1.000 12.274 0 7   DT  A C6    1 ? 
ATOM   142 P  P     . DT  A 1 8  ? -5.340  2.843   7.720   1.000 19.859 0 8   DT  A P     1 ? 
ATOM   143 O  OP1   . DT  A 1 8  ? -6.818  3.102   7.890   1.000 21.325 0 8   DT  A OP1   1 ? 
ATOM   144 O  OP2   . DT  A 1 8  ? -4.368  3.024   8.823   1.000 18.729 0 8   DT  A OP2   1 ? 
ATOM   145 O  "O5'" . DT  A 1 8  ? -5.175  1.291   7.331   1.000 18.107 0 8   DT  A "O5'" 1 ? 
ATOM   146 C  "C5'" . DT  A 1 8  ? -5.903  0.796   6.177   1.000 18.341 0 8   DT  A "C5'" 1 ? 
ATOM   147 C  "C4'" . DT  A 1 8  ? -5.472  -0.627  5.929   1.000 17.392 0 8   DT  A "C4'" 1 ? 
ATOM   148 O  "O4'" . DT  A 1 8  ? -4.114  -0.639  5.443   1.000 16.624 0 8   DT  A "O4'" 1 ? 
ATOM   149 C  "C3'" . DT  A 1 8  ? -5.496  -1.543  7.156   1.000 18.579 0 8   DT  A "C3'" 1 ? 
ATOM   150 O  "O3'" . DT  A 1 8  ? -6.375  -2.599  6.832   1.000 19.585 0 8   DT  A "O3'" 1 ? 
ATOM   151 C  "C2'" . DT  A 1 8  ? -4.041  -1.970  7.344   1.000 16.763 0 8   DT  A "C2'" 1 ? 
ATOM   152 C  "C1'" . DT  A 1 8  ? -3.484  -1.815  5.942   1.000 14.340 0 8   DT  A "C1'" 1 ? 
ATOM   153 N  N1    . DT  A 1 8  ? -2.013  -1.580  5.828   1.000 12.477 0 8   DT  A N1    1 ? 
ATOM   154 C  C2    . DT  A 1 8  ? -1.268  -2.353  4.959   1.000 11.943 0 8   DT  A C2    1 ? 
ATOM   155 O  O2    . DT  A 1 8  ? -1.747  -3.316  4.356   1.000 13.669 0 8   DT  A O2    1 ? 
ATOM   156 N  N3    . DT  A 1 8  ? 0.065   -2.030  4.858   1.000 10.798 0 8   DT  A N3    1 ? 
ATOM   157 C  C4    . DT  A 1 8  ? 0.735   -0.997  5.523   1.000 10.404 0 8   DT  A C4    1 ? 
ATOM   158 O  O4    . DT  A 1 8  ? 1.938   -0.766  5.333   1.000 10.522 0 8   DT  A O4    1 ? 
ATOM   159 C  C5    . DT  A 1 8  ? -0.096  -0.238  6.425   1.000 11.489 0 8   DT  A C5    1 ? 
ATOM   160 C  C7    . DT  A 1 8  ? 0.544   0.910   7.138   1.000 12.932 0 8   DT  A C7    1 ? 
ATOM   161 C  C6    . DT  A 1 8  ? -1.408  -0.522  6.491   1.000 12.220 0 8   DT  A C6    1 ? 
ATOM   162 P  P     . DC  A 1 9  ? -6.539  -3.899  7.780   1.000 21.541 0 9   DC  A P     1 ? 
ATOM   163 O  OP1   . DC  A 1 9  ? -7.954  -4.317  7.512   1.000 25.125 0 9   DC  A OP1   1 ? 
ATOM   164 O  OP2   . DC  A 1 9  ? -5.909  -3.779  9.142   1.000 18.581 0 9   DC  A OP2   1 ? 
ATOM   165 O  "O5'" . DC  A 1 9  ? -5.600  -4.958  7.027   1.000 18.303 0 9   DC  A "O5'" 1 ? 
ATOM   166 C  "C5'" . DC  A 1 9  ? -5.770  -5.129  5.608   1.000 18.871 0 9   DC  A "C5'" 1 ? 
ATOM   167 C  "C4'" . DC  A 1 9  ? -4.865  -6.247  5.152   1.000 18.189 0 9   DC  A "C4'" 1 ? 
ATOM   168 O  "O4'" . DC  A 1 9  ? -3.485  -5.836  5.239   1.000 16.777 0 9   DC  A "O4'" 1 ? 
ATOM   169 C  "C3'" . DC  A 1 9  ? -4.966  -7.554  5.949   1.000 18.339 0 9   DC  A "C3'" 1 ? 
ATOM   170 O  "O3'" . DC  A 1 9  ? -5.083  -8.612  4.994   1.000 21.000 0 9   DC  A "O3'" 1 ? 
ATOM   171 C  "C2'" . DC  A 1 9  ? -3.681  -7.582  6.772   1.000 16.963 0 9   DC  A "C2'" 1 ? 
ATOM   172 C  "C1'" . DC  A 1 9  ? -2.709  -6.844  5.871   1.000 14.866 0 9   DC  A "C1'" 1 ? 
ATOM   173 N  N1    . DC  A 1 9  ? -1.610  -6.076  6.496   1.000 13.609 0 9   DC  A N1    1 ? 
ATOM   174 C  C2    . DC  A 1 9  ? -0.311  -6.213  6.008   1.000 12.131 0 9   DC  A C2    1 ? 
ATOM   175 O  O2    . DC  A 1 9  ? -0.048  -7.123  5.214   1.000 12.822 0 9   DC  A O2    1 ? 
ATOM   176 N  N3    . DC  A 1 9  ? 0.678   -5.424  6.507   1.000 12.099 0 9   DC  A N3    1 ? 
ATOM   177 C  C4    . DC  A 1 9  ? 0.382   -4.447  7.370   1.000 11.678 0 9   DC  A C4    1 ? 
ATOM   178 N  N4    . DC  A 1 9  ? 1.372   -3.658  7.757   1.000 12.230 0 9   DC  A N4    1 ? 
ATOM   179 C  C5    . DC  A 1 9  ? -0.938  -4.296  7.871   1.000 12.516 0 9   DC  A C5    1 ? 
ATOM   180 C  C6    . DC  A 1 9  ? -1.894  -5.081  7.358   1.000 13.304 0 9   DC  A C6    1 ? 
ATOM   181 P  P     . DG  A 1 10 ? -5.625  -10.065 5.463   1.000 22.063 0 10  DG  A P     1 ? 
ATOM   182 O  OP1   . DG  A 1 10 ? -5.994  -10.684 4.139   1.000 25.827 0 10  DG  A OP1   1 ? 
ATOM   183 O  OP2   . DG  A 1 10 ? -6.524  -9.908  6.646   1.000 22.726 0 10  DG  A OP2   1 ? 
ATOM   184 O  "O5'" . DG  A 1 10 ? -4.299  -10.801 5.986   1.000 19.372 0 10  DG  A "O5'" 1 ? 
ATOM   185 C  "C5'" . DG  A 1 10 ? -3.262  -11.021 5.029   1.000 17.582 0 10  DG  A "C5'" 1 ? 
ATOM   186 C  "C4'" . DG  A 1 10 ? -2.009  -11.504 5.733   1.000 19.493 0 10  DG  A "C4'" 1 ? 
ATOM   187 O  "O4'" . DG  A 1 10 ? -1.319  -10.346 6.275   1.000 18.587 0 10  DG  A "O4'" 1 ? 
ATOM   188 C  "C3'" . DG  A 1 10 ? -2.186  -12.467 6.916   1.000 20.029 0 10  DG  A "C3'" 1 ? 
ATOM   189 O  "O3'" . DG  A 1 10 ? -1.088  -13.398 6.888   1.000 23.064 0 10  DG  A "O3'" 1 ? 
ATOM   190 C  "C2'" . DG  A 1 10 ? -2.072  -11.531 8.120   1.000 19.117 0 10  DG  A "C2'" 1 ? 
ATOM   191 C  "C1'" . DG  A 1 10 ? -0.922  -10.682 7.600   1.000 17.067 0 10  DG  A "C1'" 1 ? 
ATOM   192 N  N9    . DG  A 1 10 ? -0.610  -9.480  8.364   1.000 15.424 0 10  DG  A N9    1 ? 
ATOM   193 C  C8    . DG  A 1 10 ? -1.377  -8.709  9.194   1.000 15.396 0 10  DG  A C8    1 ? 
ATOM   194 N  N7    . DG  A 1 10 ? -0.706  -7.714  9.730   1.000 15.358 0 10  DG  A N7    1 ? 
ATOM   195 C  C5    . DG  A 1 10 ? 0.549   -7.785  9.124   1.000 12.896 0 10  DG  A C5    1 ? 
ATOM   196 C  C6    . DG  A 1 10 ? 1.703   -6.983  9.321   1.000 12.254 0 10  DG  A C6    1 ? 
ATOM   197 O  O6    . DG  A 1 10 ? 1.802   -5.954  10.011  1.000 13.288 0 10  DG  A O6    1 ? 
ATOM   198 N  N1    . DG  A 1 10 ? 2.767   -7.430  8.534   1.000 11.785 0 10  DG  A N1    1 ? 
ATOM   199 C  C2    . DG  A 1 10 ? 2.741   -8.539  7.723   1.000 13.543 0 10  DG  A C2    1 ? 
ATOM   200 N  N2    . DG  A 1 10 ? 3.876   -8.814  7.072   1.000 13.025 0 10  DG  A N2    1 ? 
ATOM   201 N  N3    . DG  A 1 10 ? 1.639   -9.287  7.508   1.000 12.473 0 10  DG  A N3    1 ? 
ATOM   202 C  C4    . DG  A 1 10 ? 0.624   -8.885  8.304   1.000 12.904 0 10  DG  A C4    1 ? 
ATOM   203 P  P     . DC  A 1 11 ? -1.367  -14.930 6.434   1.000 26.886 0 11  DC  A P     1 ? 
ATOM   204 O  OP1   . DC  A 1 11 ? -2.411  -14.954 5.354   1.000 28.154 0 11  DC  A OP1   1 ? 
ATOM   205 O  OP2   . DC  A 1 11 ? -1.559  -15.684 7.719   1.000 29.042 0 11  DC  A OP2   1 ? 
ATOM   206 O  "O5'" . DC  A 1 11 ? 0.096   -15.243 5.833   1.000 22.004 0 11  DC  A "O5'" 1 ? 
ATOM   207 C  "C5'" . DC  A 1 11 ? 0.573   -14.607 4.635   1.000 22.967 0 11  DC  A "C5'" 1 ? 
ATOM   208 C  "C4'" . DC  A 1 11 ? 2.065   -14.350 4.741   1.000 22.785 0 11  DC  A "C4'" 1 ? 
ATOM   209 O  "O4'" . DC  A 1 11 ? 2.346   -13.293 5.702   1.000 20.145 0 11  DC  A "O4'" 1 ? 
ATOM   210 C  "C3'" . DC  A 1 11 ? 2.943   -15.531 5.168   1.000 21.432 0 11  DC  A "C3'" 1 ? 
ATOM   211 O  "O3'" . DC  A 1 11 ? 4.096   -15.429 4.334   1.000 23.737 0 11  DC  A "O3'" 1 ? 
ATOM   212 C  "C2'" . DC  A 1 11 ? 3.212   -15.256 6.642   1.000 20.475 0 11  DC  A "C2'" 1 ? 
ATOM   213 C  "C1'" . DC  A 1 11 ? 3.324   -13.738 6.660   1.000 18.942 0 11  DC  A "C1'" 1 ? 
ATOM   214 N  N1    . DC  A 1 11 ? 2.971   -13.048 7.912   1.000 16.911 0 11  DC  A N1    1 ? 
ATOM   215 C  C2    . DC  A 1 11 ? 3.828   -12.034 8.391   1.000 14.154 0 11  DC  A C2    1 ? 
ATOM   216 O  O2    . DC  A 1 11 ? 4.915   -11.902 7.826   1.000 14.140 0 11  DC  A O2    1 ? 
ATOM   217 N  N3    . DC  A 1 11 ? 3.467   -11.328 9.463   1.000 14.811 0 11  DC  A N3    1 ? 
ATOM   218 C  C4    . DC  A 1 11 ? 2.277   -11.476 10.025  1.000 14.357 0 11  DC  A C4    1 ? 
ATOM   219 N  N4    . DC  A 1 11 ? 1.949   -10.673 11.016  1.000 14.199 0 11  DC  A N4    1 ? 
ATOM   220 C  C5    . DC  A 1 11 ? 1.383   -12.491 9.573   1.000 16.736 0 11  DC  A C5    1 ? 
ATOM   221 C  C6    . DC  A 1 11 ? 1.763   -13.222 8.516   1.000 15.655 0 11  DC  A C6    1 ? 
ATOM   222 P  P     . DG  A 1 12 ? 5.098   -16.682 4.299   1.000 30.459 0 12  DG  A P     1 ? 
ATOM   223 O  OP1   . DG  A 1 12 ? 5.792   -16.562 2.973   1.000 30.414 0 12  DG  A OP1   1 ? 
ATOM   224 O  OP2   . DG  A 1 12 ? 4.446   -17.942 4.810   1.000 32.887 0 12  DG  A OP2   1 ? 
ATOM   225 O  "O5'" . DG  A 1 12 ? 6.132   -16.416 5.489   1.000 30.840 0 12  DG  A "O5'" 1 ? 
ATOM   226 C  "C5'" . DG  A 1 12 ? 7.249   -15.537 5.254   1.000 25.970 0 12  DG  A "C5'" 1 ? 
ATOM   227 C  "C4'" . DG  A 1 12 ? 8.131   -15.627 6.475   1.000 22.881 0 12  DG  A "C4'" 1 ? 
ATOM   228 O  "O4'" . DG  A 1 12 ? 7.476   -14.935 7.539   1.000 24.128 0 12  DG  A "O4'" 1 ? 
ATOM   229 C  "C3'" . DG  A 1 12 ? 8.347   -17.037 6.996   1.000 21.635 0 12  DG  A "C3'" 1 ? 
ATOM   230 O  "O3'" . DG  A 1 12 ? 9.717   -17.334 6.756   1.000 22.779 0 12  DG  A "O3'" 1 ? 
ATOM   231 C  "C2'" . DG  A 1 12 ? 7.980   -17.015 8.482   1.000 20.072 0 12  DG  A "C2'" 1 ? 
ATOM   232 C  "C1'" . DG  A 1 12 ? 7.736   -15.550 8.803   1.000 20.254 0 12  DG  A "C1'" 1 ? 
ATOM   233 N  N9    . DG  A 1 12 ? 6.570   -15.224 9.656   1.000 16.941 0 12  DG  A N9    1 ? 
ATOM   234 C  C8    . DG  A 1 12 ? 5.293   -15.737 9.623   1.000 16.948 0 12  DG  A C8    1 ? 
ATOM   235 N  N7    . DG  A 1 12 ? 4.467   -15.125 10.438  1.000 15.950 0 12  DG  A N7    1 ? 
ATOM   236 C  C5    . DG  A 1 12 ? 5.222   -14.111 11.000  1.000 14.934 0 12  DG  A C5    1 ? 
ATOM   237 C  C6    . DG  A 1 12 ? 4.882   -13.125 11.950  1.000 15.004 0 12  DG  A C6    1 ? 
ATOM   238 O  O6    . DG  A 1 12 ? 3.784   -12.965 12.500  1.000 17.937 0 12  DG  A O6    1 ? 
ATOM   239 N  N1    . DG  A 1 12 ? 5.937   -12.269 12.241  1.000 15.526 0 12  DG  A N1    1 ? 
ATOM   240 C  C2    . DG  A 1 12 ? 7.205   -12.372 11.716  1.000 15.026 0 12  DG  A C2    1 ? 
ATOM   241 N  N2    . DG  A 1 12 ? 8.117   -11.503 12.179  1.000 15.673 0 12  DG  A N2    1 ? 
ATOM   242 N  N3    . DG  A 1 12 ? 7.533   -13.326 10.854  1.000 15.487 0 12  DG  A N3    1 ? 
ATOM   243 C  C4    . DG  A 1 12 ? 6.521   -14.156 10.524  1.000 15.417 0 12  DG  A C4    1 ? 
ATOM   244 O  "O5'" . DC  B 1 1  ? 5.754   -6.519  19.441  1.000 32.578 0 13  DC  B "O5'" 1 ? 
ATOM   245 C  "C5'" . DC  B 1 1  ? 7.069   -7.061  19.720  1.000 29.211 0 13  DC  B "C5'" 1 ? 
ATOM   246 C  "C4'" . DC  B 1 1  ? 7.874   -7.152  18.441  1.000 24.684 0 13  DC  B "C4'" 1 ? 
ATOM   247 O  "O4'" . DC  B 1 1  ? 7.378   -8.200  17.578  1.000 23.034 0 13  DC  B "O4'" 1 ? 
ATOM   248 C  "C3'" . DC  B 1 1  ? 7.915   -5.879  17.603  1.000 26.004 0 13  DC  B "C3'" 1 ? 
ATOM   249 O  "O3'" . DC  B 1 1  ? 9.298   -5.678  17.338  1.000 26.544 0 13  DC  B "O3'" 1 ? 
ATOM   250 C  "C2'" . DC  B 1 1  ? 7.143   -6.208  16.333  1.000 23.100 0 13  DC  B "C2'" 1 ? 
ATOM   251 C  "C1'" . DC  B 1 1  ? 7.269   -7.727  16.249  1.000 22.859 0 13  DC  B "C1'" 1 ? 
ATOM   252 N  N1    . DC  B 1 1  ? 6.115   -8.467  15.702  1.000 20.909 0 13  DC  B N1    1 ? 
ATOM   253 C  C2    . DC  B 1 1  ? 6.315   -9.469  14.726  1.000 20.812 0 13  DC  B C2    1 ? 
ATOM   254 O  O2    . DC  B 1 1  ? 7.446   -9.649  14.260  1.000 17.674 0 13  DC  B O2    1 ? 
ATOM   255 N  N3    . DC  B 1 1  ? 5.259   -10.170 14.263  1.000 18.403 0 13  DC  B N3    1 ? 
ATOM   256 C  C4    . DC  B 1 1  ? 4.043   -9.946  14.779  1.000 21.712 0 13  DC  B C4    1 ? 
ATOM   257 N  N4    . DC  B 1 1  ? 3.060   -10.677 14.309  1.000 20.306 0 13  DC  B N4    1 ? 
ATOM   258 C  C5    . DC  B 1 1  ? 3.823   -8.978  15.799  1.000 23.368 0 13  DC  B C5    1 ? 
ATOM   259 C  C6    . DC  B 1 1  ? 4.878   -8.290  16.249  1.000 22.880 0 13  DC  B C6    1 ? 
ATOM   260 P  P     . DG  B 1 2  ? 9.711   -4.202  16.864  1.000 31.085 0 14  DG  B P     1 ? 
ATOM   261 O  OP1   . DG  B 1 2  ? 11.086  -3.963  17.455  1.000 31.834 0 14  DG  B OP1   1 ? 
ATOM   262 O  OP2   . DG  B 1 2  ? 8.524   -3.281  16.859  1.000 27.678 0 14  DG  B OP2   1 ? 
ATOM   263 O  "O5'" . DG  B 1 2  ? 9.948   -4.502  15.301  1.000 24.577 0 14  DG  B "O5'" 1 ? 
ATOM   264 C  "C5'" . DG  B 1 2  ? 10.921  -5.500  14.967  1.000 21.116 0 14  DG  B "C5'" 1 ? 
ATOM   265 C  "C4'" . DG  B 1 2  ? 10.778  -5.874  13.521  1.000 19.766 0 14  DG  B "C4'" 1 ? 
ATOM   266 O  "O4'" . DG  B 1 2  ? 9.570   -6.641  13.370  1.000 19.460 0 14  DG  B "O4'" 1 ? 
ATOM   267 C  "C3'" . DG  B 1 2  ? 10.703  -4.705  12.555  1.000 19.612 0 14  DG  B "C3'" 1 ? 
ATOM   268 O  "O3'" . DG  B 1 2  ? 11.853  -4.766  11.734  1.000 18.935 0 14  DG  B "O3'" 1 ? 
ATOM   269 C  "C2'" . DG  B 1 2  ? 9.384   -4.893  11.809  1.000 20.205 0 14  DG  B "C2'" 1 ? 
ATOM   270 C  "C1'" . DG  B 1 2  ? 9.031   -6.346  12.084  1.000 19.584 0 14  DG  B "C1'" 1 ? 
ATOM   271 N  N9    . DG  B 1 2  ? 7.600   -6.603  12.154  1.000 16.813 0 14  DG  B N9    1 ? 
ATOM   272 C  C8    . DG  B 1 2  ? 6.660   -5.942  12.899  1.000 17.962 0 14  DG  B C8    1 ? 
ATOM   273 N  N7    . DG  B 1 2  ? 5.454   -6.447  12.759  1.000 14.929 0 14  DG  B N7    1 ? 
ATOM   274 C  C5    . DG  B 1 2  ? 5.625   -7.497  11.880  1.000 14.016 0 14  DG  B C5    1 ? 
ATOM   275 C  C6    . DG  B 1 2  ? 4.652   -8.383  11.347  1.000 13.135 0 14  DG  B C6    1 ? 
ATOM   276 O  O6    . DG  B 1 2  ? 3.448   -8.421  11.626  1.000 13.701 0 14  DG  B O6    1 ? 
ATOM   277 N  N1    . DG  B 1 2  ? 5.232   -9.285  10.476  1.000 13.181 0 14  DG  B N1    1 ? 
ATOM   278 C  C2    . DG  B 1 2  ? 6.562   -9.380  10.150  1.000 13.147 0 14  DG  B C2    1 ? 
ATOM   279 N  N2    . DG  B 1 2  ? 6.897   -10.295 9.240   1.000 13.832 0 14  DG  B N2    1 ? 
ATOM   280 N  N3    . DG  B 1 2  ? 7.494   -8.520  10.638  1.000 13.419 0 14  DG  B N3    1 ? 
ATOM   281 C  C4    . DG  B 1 2  ? 6.937   -7.623  11.496  1.000 14.931 0 14  DG  B C4    1 ? 
ATOM   282 P  P     . DC  B 1 3  ? 12.005  -3.642  10.591  1.000 18.163 0 15  DC  B P     1 ? 
ATOM   283 O  OP1   . DC  B 1 3  ? 13.483  -3.577  10.338  1.000 20.301 0 15  DC  B OP1   1 ? 
ATOM   284 O  OP2   . DC  B 1 3  ? 11.129  -2.444  10.837  1.000 19.343 0 15  DC  B OP2   1 ? 
ATOM   285 O  "O5'" . DC  B 1 3  ? 11.408  -4.431  9.304   1.000 15.193 0 15  DC  B "O5'" 1 ? 
ATOM   286 C  "C5'" . DC  B 1 3  ? 12.056  -5.631  8.809   1.000 14.410 0 15  DC  B "C5'" 1 ? 
ATOM   287 C  "C4'" . DC  B 1 3  ? 11.050  -6.310  7.911   1.000 14.141 0 15  DC  B "C4'" 1 ? 
ATOM   288 O  "O4'" . DC  B 1 3  ? 9.829   -6.488  8.631   1.000 14.216 0 15  DC  B "O4'" 1 ? 
ATOM   289 C  "C3'" . DC  B 1 3  ? 10.621  -5.487  6.717   1.000 15.412 0 15  DC  B "C3'" 1 ? 
ATOM   290 O  "O3'" . DC  B 1 3  ? 11.582  -5.724  5.706   1.000 15.731 0 15  DC  B "O3'" 1 ? 
ATOM   291 C  "C2'" . DC  B 1 3  ? 9.293   -6.142  6.348   1.000 16.892 0 15  DC  B "C2'" 1 ? 
ATOM   292 C  "C1'" . DC  B 1 3  ? 8.776   -6.608  7.684   1.000 15.321 0 15  DC  B "C1'" 1 ? 
ATOM   293 N  N1    . DC  B 1 3  ? 7.594   -5.899  8.217   1.000 14.587 0 15  DC  B N1    1 ? 
ATOM   294 C  C2    . DC  B 1 3  ? 6.346   -6.504  8.051   1.000 11.775 0 15  DC  B C2    1 ? 
ATOM   295 O  O2    . DC  B 1 3  ? 6.315   -7.555  7.401   1.000 13.012 0 15  DC  B O2    1 ? 
ATOM   296 N  N3    . DC  B 1 3  ? 5.240   -5.986  8.643   1.000 11.989 0 15  DC  B N3    1 ? 
ATOM   297 C  C4    . DC  B 1 3  ? 5.338   -4.817  9.294   1.000 13.991 0 15  DC  B C4    1 ? 
ATOM   298 N  N4    . DC  B 1 3  ? 4.243   -4.337  9.856   1.000 15.308 0 15  DC  B N4    1 ? 
ATOM   299 C  C5    . DC  B 1 3  ? 6.586   -4.155  9.437   1.000 15.361 0 15  DC  B C5    1 ? 
ATOM   300 C  C6    . DC  B 1 3  ? 7.683   -4.708  8.871   1.000 15.083 0 15  DC  B C6    1 ? 
ATOM   301 P  P     . DG  B 1 4  ? 11.500  -4.883  4.346   1.000 20.049 0 16  DG  B P     1 ? 
ATOM   302 O  OP1   . DG  B 1 4  ? 12.884  -4.899  3.779   1.000 23.028 0 16  DG  B OP1   1 ? 
ATOM   303 O  OP2   . DG  B 1 4  ? 10.822  -3.557  4.541   1.000 19.313 0 16  DG  B OP2   1 ? 
ATOM   304 O  "O5'" . DG  B 1 4  ? 10.540  -5.692  3.346   1.000 17.442 0 16  DG  B "O5'" 1 ? 
ATOM   305 C  "C5'" . DG  B 1 4  ? 10.822  -7.048  3.030   1.000 16.463 0 16  DG  B "C5'" 1 ? 
ATOM   306 C  "C4'" . DG  B 1 4  ? 9.648   -7.603  2.257   1.000 15.885 0 16  DG  B "C4'" 1 ? 
ATOM   307 O  "O4'" . DG  B 1 4  ? 8.467   -7.560  3.083   1.000 15.940 0 16  DG  B "O4'" 1 ? 
ATOM   308 C  "C3'" . DG  B 1 4  ? 9.276   -6.889  0.956   1.000 18.269 0 16  DG  B "C3'" 1 ? 
ATOM   309 O  "O3'" . DG  B 1 4  ? 8.773   -7.904  0.133   1.000 20.063 0 16  DG  B "O3'" 1 ? 
ATOM   310 C  "C2'" . DG  B 1 4  ? 8.205   -5.895  1.400   1.000 17.783 0 16  DG  B "C2'" 1 ? 
ATOM   311 C  "C1'" . DG  B 1 4  ? 7.489   -6.710  2.463   1.000 15.885 0 16  DG  B "C1'" 1 ? 
ATOM   312 N  N9    . DG  B 1 4  ? 6.870   -5.854  3.471   1.000 13.390 0 16  DG  B N9    1 ? 
ATOM   313 C  C8    . DG  B 1 4  ? 7.359   -4.676  3.937   1.000 14.512 0 16  DG  B C8    1 ? 
ATOM   314 N  N7    . DG  B 1 4  ? 6.538   -4.160  4.790   1.000 14.121 0 16  DG  B N7    1 ? 
ATOM   315 C  C5    . DG  B 1 4  ? 5.441   -4.951  4.892   1.000 11.628 0 16  DG  B C5    1 ? 
ATOM   316 C  C6    . DG  B 1 4  ? 4.236   -4.772  5.602   1.000 11.302 0 16  DG  B C6    1 ? 
ATOM   317 O  O6    . DG  B 1 4  ? 3.919   -3.881  6.408   1.000 10.543 0 16  DG  B O6    1 ? 
ATOM   318 N  N1    . DG  B 1 4  ? 3.384   -5.844  5.317   1.000 10.918 0 16  DG  B N1    1 ? 
ATOM   319 C  C2    . DG  B 1 4  ? 3.648   -6.897  4.486   1.000 11.269 0 16  DG  B C2    1 ? 
ATOM   320 N  N2    . DG  B 1 4  ? 2.700   -7.829  4.366   1.000 11.755 0 16  DG  B N2    1 ? 
ATOM   321 N  N3    . DG  B 1 4  ? 4.789   -7.051  3.836   1.000 11.061 0 16  DG  B N3    1 ? 
ATOM   322 C  C4    . DG  B 1 4  ? 5.621   -6.012  4.044   1.000 12.599 0 16  DG  B C4    1 ? 
ATOM   323 P  P     . DA  B 1 5  ? 7.876   -7.625  -1.192  1.000 21.479 0 17  DA  B P     1 ? 
ATOM   324 O  OP1   . DA  B 1 5  ? 8.200   -8.779  -2.105  1.000 24.399 0 17  DA  B OP1   1 ? 
ATOM   325 O  OP2   . DA  B 1 5  ? 7.917   -6.195  -1.623  1.000 19.914 0 17  DA  B OP2   1 ? 
ATOM   326 O  "O5'" . DA  B 1 5  ? 6.403   -7.964  -0.642  1.000 19.668 0 17  DA  B "O5'" 1 ? 
ATOM   327 C  "C5'" . DA  B 1 5  ? 6.093   -9.266  -0.155  1.000 18.921 0 17  DA  B "C5'" 1 ? 
ATOM   328 C  "C4'" . DA  B 1 5  ? 4.593   -9.432  -0.036  1.000 18.252 0 17  DA  B "C4'" 1 ? 
ATOM   329 O  "O4'" . DA  B 1 5  ? 4.064   -8.445  0.891   1.000 16.618 0 17  DA  B "O4'" 1 ? 
ATOM   330 C  "C3'" . DA  B 1 5  ? 3.772   -9.269  -1.319  1.000 17.966 0 17  DA  B "C3'" 1 ? 
ATOM   331 O  "O3'" . DA  B 1 5  ? 2.711   -10.210 -1.235  1.000 19.780 0 17  DA  B "O3'" 1 ? 
ATOM   332 C  "C2'" . DA  B 1 5  ? 3.299   -7.817  -1.241  1.000 17.975 0 17  DA  B "C2'" 1 ? 
ATOM   333 C  "C1'" . DA  B 1 5  ? 3.111   -7.585  0.246   1.000 15.715 0 17  DA  B "C1'" 1 ? 
ATOM   334 N  N9    . DA  B 1 5  ? 3.426   -6.241  0.755   1.000 12.944 0 17  DA  B N9    1 ? 
ATOM   335 C  C8    . DA  B 1 5  ? 4.585   -5.520  0.609   1.000 12.120 0 17  DA  B C8    1 ? 
ATOM   336 N  N7    . DA  B 1 5  ? 4.636   -4.392  1.284   1.000 11.996 0 17  DA  B N7    1 ? 
ATOM   337 C  C5    . DA  B 1 5  ? 3.413   -4.373  1.947   1.000 10.869 0 17  DA  B C5    1 ? 
ATOM   338 C  C6    . DA  B 1 5  ? 2.865   -3.452  2.855   1.000 9.343  0 17  DA  B C6    1 ? 
ATOM   339 N  N6    . DA  B 1 5  ? 3.492   -2.336  3.210   1.000 10.008 0 17  DA  B N6    1 ? 
ATOM   340 N  N1    . DA  B 1 5  ? 1.609   -3.705  3.286   1.000 10.143 0 17  DA  B N1    1 ? 
ATOM   341 C  C2    . DA  B 1 5  ? 0.996   -4.852  2.906   1.000 10.534 0 17  DA  B C2    1 ? 
ATOM   342 N  N3    . DA  B 1 5  ? 1.421   -5.797  2.068   1.000 11.536 0 17  DA  B N3    1 ? 
ATOM   343 C  C4    . DA  B 1 5  ? 2.646   -5.487  1.615   1.000 11.289 0 17  DA  B C4    1 ? 
ATOM   344 P  P     . DA  B 1 6  ? 1.717   -10.326 -2.502  1.000 23.706 0 18  DA  B P     1 ? 
ATOM   345 O  OP1   . DA  B 1 6  ? 1.146   -11.719 -2.387  1.000 23.096 0 18  DA  B OP1   1 ? 
ATOM   346 O  OP2   . DA  B 1 6  ? 2.402   -9.622  -3.639  1.000 19.978 0 18  DA  B OP2   1 ? 
ATOM   347 O  "O5'" . DA  B 1 6  ? 0.598   -9.231  -2.139  1.000 19.813 0 18  DA  B "O5'" 1 ? 
ATOM   348 C  "C5'" . DA  B 1 6  ? -0.260  -9.513  -1.059  1.000 18.817 0 18  DA  B "C5'" 1 ? 
ATOM   349 C  "C4'" . DA  B 1 6  ? -1.217  -8.363  -0.881  1.000 19.355 0 18  DA  B "C4'" 1 ? 
ATOM   350 O  "O4'" . DA  B 1 6  ? -0.496  -7.221  -0.406  1.000 18.451 0 18  DA  B "O4'" 1 ? 
ATOM   351 C  "C3'" . DA  B 1 6  ? -1.945  -7.916  -2.155  1.000 19.922 0 18  DA  B "C3'" 1 ? 
ATOM   352 O  "O3'" . DA  B 1 6  ? -3.305  -8.208  -1.847  1.000 23.505 0 18  DA  B "O3'" 1 ? 
ATOM   353 C  "C2'" . DA  B 1 6  ? -1.620  -6.426  -2.295  1.000 18.195 0 18  DA  B "C2'" 1 ? 
ATOM   354 C  "C1'" . DA  B 1 6  ? -1.121  -6.045  -0.911  1.000 15.980 0 18  DA  B "C1'" 1 ? 
ATOM   355 N  N9    . DA  B 1 6  ? -0.123  -4.974  -0.872  1.000 12.953 0 18  DA  B N9    1 ? 
ATOM   356 C  C8    . DA  B 1 6  ? 1.062   -4.838  -1.530  1.000 12.874 0 18  DA  B C8    1 ? 
ATOM   357 N  N7    . DA  B 1 6  ? 1.749   -3.767  -1.232  1.000 13.032 0 18  DA  B N7    1 ? 
ATOM   358 C  C5    . DA  B 1 6  ? 0.955   -3.108  -0.305  1.000 11.201 0 18  DA  B C5    1 ? 
ATOM   359 C  C6    . DA  B 1 6  ? 1.150   -1.896  0.395   1.000 9.856  0 18  DA  B C6    1 ? 
ATOM   360 N  N6    . DA  B 1 6  ? 2.255   -1.165  0.280   1.000 11.373 0 18  DA  B N6    1 ? 
ATOM   361 N  N1    . DA  B 1 6  ? 0.132   -1.479  1.209   1.000 10.237 0 18  DA  B N1    1 ? 
ATOM   362 C  C2    . DA  B 1 6  ? -0.911  -2.292  1.339   1.000 10.627 0 18  DA  B C2    1 ? 
ATOM   363 N  N3    . DA  B 1 6  ? -1.192  -3.470  0.764   1.000 10.464 0 18  DA  B N3    1 ? 
ATOM   364 C  C4    . DA  B 1 6  ? -0.212  -3.812  -0.099  1.000 11.378 0 18  DA  B C4    1 ? 
ATOM   365 P  P     . DT  B 1 7  ? -4.488  -7.787  -2.877  1.000 28.508 0 19  DT  B P     1 ? 
ATOM   366 O  OP1   . DT  B 1 7  ? -5.577  -8.742  -2.502  1.000 30.368 0 19  DT  B OP1   1 ? 
ATOM   367 O  OP2   . DT  B 1 7  ? -3.843  -7.426  -4.183  1.000 25.690 0 19  DT  B OP2   1 ? 
ATOM   368 O  "O5'" . DT  B 1 7  ? -4.908  -6.352  -2.301  1.000 23.495 0 19  DT  B "O5'" 1 ? 
ATOM   369 C  "C5'" . DT  B 1 7  ? -5.315  -6.255  -0.927  1.000 21.902 0 19  DT  B "C5'" 1 ? 
ATOM   370 C  "C4'" . DT  B 1 7  ? -5.530  -4.797  -0.618  1.000 20.572 0 19  DT  B "C4'" 1 ? 
ATOM   371 O  "O4'" . DT  B 1 7  ? -4.274  -4.087  -0.700  1.000 17.212 0 19  DT  B "O4'" 1 ? 
ATOM   372 C  "C3'" . DT  B 1 7  ? -6.491  -4.081  -1.579  1.000 20.326 0 19  DT  B "C3'" 1 ? 
ATOM   373 O  "O3'" . DT  B 1 7  ? -7.582  -3.657  -0.757  1.000 23.612 0 19  DT  B "O3'" 1 ? 
ATOM   374 C  "C2'" . DT  B 1 7  ? -5.682  -2.925  -2.152  1.000 18.423 0 19  DT  B "C2'" 1 ? 
ATOM   375 C  "C1'" . DT  B 1 7  ? -4.544  -2.761  -1.145  1.000 15.462 0 19  DT  B "C1'" 1 ? 
ATOM   376 N  N1    . DT  B 1 7  ? -3.268  -2.196  -1.661  1.000 14.555 0 19  DT  B N1    1 ? 
ATOM   377 C  C2    . DT  B 1 7  ? -2.783  -1.009  -1.133  1.000 12.078 0 19  DT  B C2    1 ? 
ATOM   378 O  O2    . DT  B 1 7  ? -3.372  -0.378  -0.268  1.000 13.207 0 19  DT  B O2    1 ? 
ATOM   379 N  N3    . DT  B 1 7  ? -1.562  -0.596  -1.588  1.000 11.503 0 19  DT  B N3    1 ? 
ATOM   380 C  C4    . DT  B 1 7  ? -0.791  -1.238  -2.539  1.000 11.054 0 19  DT  B C4    1 ? 
ATOM   381 O  O4    . DT  B 1 7  ? 0.277   -0.740  -2.823  1.000 12.675 0 19  DT  B O4    1 ? 
ATOM   382 C  C5    . DT  B 1 7  ? -1.382  -2.447  -3.091  1.000 12.662 0 19  DT  B C5    1 ? 
ATOM   383 C  C7    . DT  B 1 7  ? -0.617  -3.227  -4.106  1.000 12.829 0 19  DT  B C7    1 ? 
ATOM   384 C  C6    . DT  B 1 7  ? -2.558  -2.870  -2.631  1.000 12.462 0 19  DT  B C6    1 ? 
ATOM   385 P  P     . DT  B 1 8  ? -8.796  -2.893  -1.498  1.000 28.216 0 20  DT  B P     1 ? 
ATOM   386 O  OP1   . DT  B 1 8  ? -10.012 -3.311  -0.716  1.000 33.853 0 20  DT  B OP1   1 ? 
ATOM   387 O  OP2   . DT  B 1 8  ? -8.798  -3.124  -2.987  1.000 28.187 0 20  DT  B OP2   1 ? 
ATOM   388 O  "O5'" . DT  B 1 8  ? -8.402  -1.354  -1.201  1.000 25.782 0 20  DT  B "O5'" 1 ? 
ATOM   389 C  "C5'" . DT  B 1 8  ? -8.113  -0.920  0.145   1.000 23.279 0 20  DT  B "C5'" 1 ? 
ATOM   390 C  "C4'" . DT  B 1 8  ? -7.707  0.537   0.152   1.000 22.466 0 20  DT  B "C4'" 1 ? 
ATOM   391 O  "O4'" . DT  B 1 8  ? -6.414  0.699   -0.475  1.000 21.540 0 20  DT  B "O4'" 1 ? 
ATOM   392 C  "C3'" . DT  B 1 8  ? -8.654  1.494   -0.577  1.000 22.980 0 20  DT  B "C3'" 1 ? 
ATOM   393 O  "O3'" . DT  B 1 8  ? -8.891  2.517   0.400   1.000 27.325 0 20  DT  B "O3'" 1 ? 
ATOM   394 C  "C2'" . DT  B 1 8  ? -7.876  1.908   -1.829  1.000 21.514 0 20  DT  B "C2'" 1 ? 
ATOM   395 C  "C1'" . DT  B 1 8  ? -6.448  1.854   -1.303  1.000 20.175 0 20  DT  B "C1'" 1 ? 
ATOM   396 N  N1    . DT  B 1 8  ? -5.364  1.658   -2.272  1.000 16.632 0 20  DT  B N1    1 ? 
ATOM   397 C  C2    . DT  B 1 8  ? -4.275  2.507   -2.206  1.000 13.899 0 20  DT  B C2    1 ? 
ATOM   398 O  O2    . DT  B 1 8  ? -4.218  3.464   -1.464  1.000 15.375 0 20  DT  B O2    1 ? 
ATOM   399 N  N3    . DT  B 1 8  ? -3.245  2.189   -3.060  1.000 14.269 0 20  DT  B N3    1 ? 
ATOM   400 C  C4    . DT  B 1 8  ? -3.197  1.151   -3.975  1.000 14.619 0 20  DT  B C4    1 ? 
ATOM   401 O  O4    . DT  B 1 8  ? -2.179  0.986   -4.663  1.000 16.299 0 20  DT  B O4    1 ? 
ATOM   402 C  C5    . DT  B 1 8  ? -4.377  0.319   -4.015  1.000 15.621 0 20  DT  B C5    1 ? 
ATOM   403 C  C7    . DT  B 1 8  ? -4.451  -0.831  -4.975  1.000 17.724 0 20  DT  B C7    1 ? 
ATOM   404 C  C6    . DT  B 1 8  ? -5.376  0.602   -3.159  1.000 16.113 0 20  DT  B C6    1 ? 
ATOM   405 P  P     . DC  B 1 9  ? -10.120 3.508   0.057   1.000 31.172 0 21  DC  B P     1 ? 
ATOM   406 O  OP1   . DC  B 1 9  ? -10.652 3.899   1.403   1.000 34.968 0 21  DC  B OP1   1 ? 
ATOM   407 O  OP2   . DC  B 1 9  ? -10.865 3.013   -1.150  1.000 31.454 0 21  DC  B OP2   1 ? 
ATOM   408 O  "O5'" . DC  B 1 9  ? -9.226  4.680   -0.590  1.000 24.347 0 21  DC  B "O5'" 1 ? 
ATOM   409 C  "C5'" . DC  B 1 9  ? -8.335  5.398   0.260   1.000 23.753 0 21  DC  B "C5'" 1 ? 
ATOM   410 C  "C4'" . DC  B 1 9  ? -7.532  6.353   -0.578  1.000 23.688 0 21  DC  B "C4'" 1 ? 
ATOM   411 O  "O4'" . DC  B 1 9  ? -6.688  5.619   -1.493  1.000 21.728 0 21  DC  B "O4'" 1 ? 
ATOM   412 C  "C3'" . DC  B 1 9  ? -8.347  7.314   -1.437  1.000 21.549 0 21  DC  B "C3'" 1 ? 
ATOM   413 O  "O3'" . DC  B 1 9  ? -8.180  8.569   -0.831  1.000 26.496 0 21  DC  B "O3'" 1 ? 
ATOM   414 C  "C2'" . DC  B 1 9  ? -7.707  7.221   -2.826  1.000 22.735 0 21  DC  B "C2'" 1 ? 
ATOM   415 C  "C1'" . DC  B 1 9  ? -6.406  6.490   -2.577  1.000 20.256 0 21  DC  B "C1'" 1 ? 
ATOM   416 N  N1    . DC  B 1 9  ? -5.886  5.626   -3.674  1.000 16.729 0 21  DC  B N1    1 ? 
ATOM   417 C  C2    . DC  B 1 9  ? -4.601  5.879   -4.178  1.000 15.510 0 21  DC  B C2    1 ? 
ATOM   418 O  O2    . DC  B 1 9  ? -3.948  6.837   -3.748  1.000 18.181 0 21  DC  B O2    1 ? 
ATOM   419 N  N3    . DC  B 1 9  ? -4.101  5.000   -5.083  1.000 15.271 0 21  DC  B N3    1 ? 
ATOM   420 C  C4    . DC  B 1 9  ? -4.812  3.953   -5.497  1.000 14.632 0 21  DC  B C4    1 ? 
ATOM   421 N  N4    . DC  B 1 9  ? -4.270  3.131   -6.380  1.000 16.868 0 21  DC  B N4    1 ? 
ATOM   422 C  C5    . DC  B 1 9  ? -6.142  3.724   -5.042  1.000 15.474 0 21  DC  B C5    1 ? 
ATOM   423 C  C6    . DC  B 1 9  ? -6.632  4.587   -4.143  1.000 16.396 0 21  DC  B C6    1 ? 
ATOM   424 P  P     . DG  B 1 10 ? -9.208  9.755   -1.197  1.000 28.000 0 22  DG  B P     1 ? 
ATOM   425 O  OP1   . DG  B 1 10 ? -9.080  10.800  -0.130  1.000 33.540 0 22  DG  B OP1   1 ? 
ATOM   426 O  OP2   . DG  B 1 10 ? -10.414 9.268   -1.926  1.000 25.597 0 22  DG  B OP2   1 ? 
ATOM   427 O  "O5'" . DG  B 1 10 ? -8.418  10.412  -2.446  1.000 27.019 0 22  DG  B "O5'" 1 ? 
ATOM   428 C  "C5'" . DG  B 1 10 ? -7.178  11.050  -2.270  1.000 23.541 0 22  DG  B "C5'" 1 ? 
ATOM   429 C  "C4'" . DG  B 1 10 ? -6.661  11.415  -3.650  1.000 23.269 0 22  DG  B "C4'" 1 ? 
ATOM   430 O  "O4'" . DG  B 1 10 ? -6.191  10.218  -4.320  1.000 21.955 0 22  DG  B "O4'" 1 ? 
ATOM   431 C  "C3'" . DG  B 1 10 ? -7.680  12.039  -4.606  1.000 21.856 0 22  DG  B "C3'" 1 ? 
ATOM   432 O  "O3'" . DG  B 1 10 ? -7.033  13.074  -5.312  1.000 23.230 0 22  DG  B "O3'" 1 ? 
ATOM   433 C  "C2'" . DG  B 1 10 ? -7.996  10.922  -5.582  1.000 23.314 0 22  DG  B "C2'" 1 ? 
ATOM   434 C  "C1'" . DG  B 1 10 ? -6.629  10.289  -5.663  1.000 21.344 0 22  DG  B "C1'" 1 ? 
ATOM   435 N  N9    . DG  B 1 10 ? -6.605  8.970   -6.253  1.000 18.659 0 22  DG  B N9    1 ? 
ATOM   436 C  C8    . DG  B 1 10 ? -7.594  8.026   -6.310  1.000 18.979 0 22  DG  B C8    1 ? 
ATOM   437 N  N7    . DG  B 1 10 ? -7.245  6.940   -6.948  1.000 16.897 0 22  DG  B N7    1 ? 
ATOM   438 C  C5    . DG  B 1 10 ? -5.933  7.209   -7.341  1.000 13.767 0 22  DG  B C5    1 ? 
ATOM   439 C  C6    . DG  B 1 10 ? -5.040  6.410   -8.053  1.000 12.708 0 22  DG  B C6    1 ? 
ATOM   440 O  O6    . DG  B 1 10 ? -5.212  5.266   -8.456  1.000 14.344 0 22  DG  B O6    1 ? 
ATOM   441 N  N1    . DG  B 1 10 ? -3.812  7.056   -8.215  1.000 12.494 0 22  DG  B N1    1 ? 
ATOM   442 C  C2    . DG  B 1 10 ? -3.482  8.297   -7.772  1.000 13.123 0 22  DG  B C2    1 ? 
ATOM   443 N  N2    . DG  B 1 10 ? -2.262  8.765   -8.057  1.000 12.731 0 22  DG  B N2    1 ? 
ATOM   444 N  N3    . DG  B 1 10 ? -4.328  9.066   -7.095  1.000 15.154 0 22  DG  B N3    1 ? 
ATOM   445 C  C4    . DG  B 1 10 ? -5.518  8.442   -6.910  1.000 14.896 0 22  DG  B C4    1 ? 
ATOM   446 P  P     . DC  B 1 11 ? -7.824  14.388  -5.783  1.000 24.361 0 23  DC  B P     1 ? 
ATOM   447 O  OP1   . DC  B 1 11 ? -7.858  15.208  -4.522  1.000 25.554 0 23  DC  B OP1   1 ? 
ATOM   448 O  OP2   . DC  B 1 11 ? -8.949  14.012  -6.704  1.000 23.968 0 23  DC  B OP2   1 ? 
ATOM   449 O  "O5'" . DC  B 1 11 ? -6.662  14.989  -6.737  1.000 21.097 0 23  DC  B "O5'" 1 ? 
ATOM   450 C  "C5'" . DC  B 1 11 ? -5.385  15.387  -6.145  1.000 18.912 0 23  DC  B "C5'" 1 ? 
ATOM   451 C  "C4'" . DC  B 1 11 ? -4.227  14.946  -7.025  1.000 18.001 0 23  DC  B "C4'" 1 ? 
ATOM   452 O  "O4'" . DC  B 1 11 ? -4.128  13.507  -7.074  1.000 16.970 0 23  DC  B "O4'" 1 ? 
ATOM   453 C  "C3'" . DC  B 1 11 ? -4.259  15.386  -8.487  1.000 16.701 0 23  DC  B "C3'" 1 ? 
ATOM   454 O  "O3'" . DC  B 1 11 ? -3.714  16.689  -8.587  1.000 19.646 0 23  DC  B "O3'" 1 ? 
ATOM   455 C  "C2'" . DC  B 1 11 ? -3.324  14.376  -9.114  1.000 18.025 0 23  DC  B "C2'" 1 ? 
ATOM   456 C  "C1'" . DC  B 1 11 ? -3.667  13.119  -8.363  1.000 17.761 0 23  DC  B "C1'" 1 ? 
ATOM   457 N  N1    . DC  B 1 11 ? -4.694  12.231  -8.940  1.000 14.970 0 23  DC  B N1    1 ? 
ATOM   458 C  C2    . DC  B 1 11 ? -4.240  11.193  -9.741  1.000 13.106 0 23  DC  B C2    1 ? 
ATOM   459 O  O2    . DC  B 1 11 ? -3.043  11.210  -10.086 1.000 14.389 0 23  DC  B O2    1 ? 
ATOM   460 N  N3    . DC  B 1 11 ? -5.103  10.236  -10.143 1.000 13.321 0 23  DC  B N3    1 ? 
ATOM   461 C  C4    . DC  B 1 11 ? -6.398  10.307  -9.782  1.000 13.745 0 23  DC  B C4    1 ? 
ATOM   462 N  N4    . DC  B 1 11 ? -7.184  9.326   -10.153 1.000 13.882 0 23  DC  B N4    1 ? 
ATOM   463 C  C5    . DC  B 1 11 ? -6.887  11.383  -8.998  1.000 14.862 0 23  DC  B C5    1 ? 
ATOM   464 C  C6    . DC  B 1 11 ? -6.011  12.292  -8.567  1.000 14.925 0 23  DC  B C6    1 ? 
ATOM   465 P  P     . DG  B 1 12 ? -4.072  17.574  -9.889  1.000 19.761 0 24  DG  B P     1 ? 
ATOM   466 O  OP1   . DG  B 1 12 ? -3.491  18.922  -9.544  1.000 20.991 0 24  DG  B OP1   1 ? 
ATOM   467 O  OP2   . DG  B 1 12 ? -5.498  17.413  -10.330 1.000 21.069 0 24  DG  B OP2   1 ? 
ATOM   468 O  "O5'" . DG  B 1 12 ? -3.149  16.924  -11.047 1.000 18.444 0 24  DG  B "O5'" 1 ? 
ATOM   469 C  "C5'" . DG  B 1 12 ? -1.700  16.965  -11.026 1.000 15.476 0 24  DG  B "C5'" 1 ? 
ATOM   470 C  "C4'" . DG  B 1 12 ? -1.203  16.040  -12.126 1.000 14.749 0 24  DG  B "C4'" 1 ? 
ATOM   471 O  "O4'" . DG  B 1 12 ? -1.624  14.669  -11.858 1.000 13.671 0 24  DG  B "O4'" 1 ? 
ATOM   472 C  "C3'" . DG  B 1 12 ? -1.780  16.322  -13.509 1.000 14.966 0 24  DG  B "C3'" 1 ? 
ATOM   473 O  "O3'" . DG  B 1 12 ? -1.033  17.361  -14.130 1.000 15.241 0 24  DG  B "O3'" 1 ? 
ATOM   474 C  "C2'" . DG  B 1 12 ? -1.608  14.983  -14.210 1.000 15.263 0 24  DG  B "C2'" 1 ? 
ATOM   475 C  "C1'" . DG  B 1 12 ? -1.951  14.011  -13.101 1.000 14.728 0 24  DG  B "C1'" 1 ? 
ATOM   476 N  N9    . DG  B 1 12 ? -3.348  13.577  -13.016 1.000 13.645 0 24  DG  B N9    1 ? 
ATOM   477 C  C8    . DG  B 1 12 ? -4.414  14.151  -12.368 1.000 15.102 0 24  DG  B C8    1 ? 
ATOM   478 N  N7    . DG  B 1 12 ? -5.509  13.419  -12.388 1.000 13.856 0 24  DG  B N7    1 ? 
ATOM   479 C  C5    . DG  B 1 12 ? -5.100  12.276  -13.044 1.000 12.218 0 24  DG  B C5    1 ? 
ATOM   480 C  C6    . DG  B 1 12 ? -5.835  11.115  -13.348 1.000 11.816 0 24  DG  B C6    1 ? 
ATOM   481 O  O6    . DG  B 1 12 ? -7.004  10.945  -13.031 1.000 14.251 0 24  DG  B O6    1 ? 
ATOM   482 N  N1    . DG  B 1 12 ? -5.082  10.184  -14.056 1.000 11.795 0 24  DG  B N1    1 ? 
ATOM   483 C  C2    . DG  B 1 12 ? -3.782  10.339  -14.448 1.000 12.267 0 24  DG  B C2    1 ? 
ATOM   484 N  N2    . DG  B 1 12 ? -3.227  9.349   -15.169 1.000 12.623 0 24  DG  B N2    1 ? 
ATOM   485 N  N3    . DG  B 1 12 ? -3.083  11.436  -14.156 1.000 12.302 0 24  DG  B N3    1 ? 
ATOM   486 C  C4    . DG  B 1 12 ? -3.798  12.345  -13.459 1.000 12.289 0 24  DG  B C4    1 ? 
HETATM 487 MG MG    . MG  C 2 .  ? -8.329  3.389   -10.739 1.000 17.822 0 101 MG  A MG    1 ? 
HETATM 488 PT PT    . PT  D 3 .  ? -0.916  -6.987  11.753  0.300 53.991 0 102 PT  A PT    1 ? 
HETATM 489 N  N     . NH3 E 4 .  ? -2.386  -5.698  11.136  0.300 20.952 0 103 NH3 A N     1 ? 
HETATM 490 PT PT    . PT  F 3 .  ? 2.286   2.402   -6.902  0.300 51.756 0 104 PT  A PT    1 ? 
HETATM 491 N  N     . NH3 G 4 .  ? 2.929   0.797   -6.265  0.300 31.946 0 105 NH3 A N     1 ? 
HETATM 492 CL CL    . CL  H 5 .  ? 1.219   1.396   -8.366  0.300 26.532 0 106 CL  A CL    1 ? 
HETATM 493 PT PT    . PT  I 3 .  ? 6.974   -1.693  5.708   0.250 26.972 0 101 PT  B PT    1 ? 
HETATM 494 N  N     . NH3 J 4 .  ? 5.325   -1.774  6.915   0.250 18.509 0 102 NH3 B N     1 ? 
HETATM 495 O  O     . HOH K 6 .  ? -3.981  0.915   -14.650 1.000 28.933 0 201 HOH A O     1 ? 
HETATM 496 O  O     B HOH K 6 .  ? -3.229  -3.560  10.206  1.000 40.525 0 202 HOH A O     1 ? 
HETATM 497 O  O     . HOH K 6 .  ? 6.585   10.186  1.509   1.000 36.383 0 203 HOH A O     1 ? 
HETATM 498 O  O     . HOH K 6 .  ? -2.112  2.094   9.565   1.000 31.365 0 204 HOH A O     1 ? 
HETATM 499 O  O     . HOH K 6 .  ? 2.951   3.141   -18.572 1.000 37.657 0 205 HOH A O     1 ? 
HETATM 500 O  O     B HOH K 6 .  ? 3.938   0.525   6.308   1.000 22.259 0 206 HOH A O     1 ? 
HETATM 501 O  O     B HOH K 6 .  ? 3.849   2.602   -4.623  1.000 35.343 0 207 HOH A O     1 ? 
HETATM 502 O  O     . HOH K 6 .  ? -2.562  -14.255 2.829   1.000 33.693 0 208 HOH A O     1 ? 
HETATM 503 O  O     . HOH K 6 .  ? 1.748   -10.777 5.200   1.000 21.686 0 209 HOH A O     1 ? 
HETATM 504 O  O     . HOH K 6 .  ? 1.992   -16.116 10.612  1.000 30.428 0 210 HOH A O     1 ? 
HETATM 505 O  O     . HOH K 6 .  ? -7.957  5.360   -10.796 1.000 16.538 0 211 HOH A O     1 ? 
HETATM 506 O  O     . HOH K 6 .  ? 5.030   1.586   2.370   1.000 26.419 0 212 HOH A O     1 ? 
HETATM 507 O  O     . HOH K 6 .  ? 0.730   13.374  0.482   1.000 30.355 0 213 HOH A O     1 ? 
HETATM 508 O  O     . HOH K 6 .  ? -4.640  -0.060  2.234   1.000 16.942 0 214 HOH A O     1 ? 
HETATM 509 O  O     . HOH K 6 .  ? 4.701   3.886   -0.161  1.000 28.847 0 215 HOH A O     1 ? 
HETATM 510 O  O     . HOH K 6 .  ? -0.541  -7.875  2.632   1.000 14.754 0 216 HOH A O     1 ? 
HETATM 511 O  O     . HOH K 6 .  ? 2.024   9.295   6.110   1.000 16.955 0 217 HOH A O     1 ? 
HETATM 512 O  O     . HOH K 6 .  ? -6.713  3.017   -12.027 1.000 18.087 0 218 HOH A O     1 ? 
HETATM 513 O  O     . HOH K 6 .  ? -1.856  8.281   -1.332  1.000 32.953 0 219 HOH A O     1 ? 
HETATM 514 O  O     . HOH K 6 .  ? 9.823   -18.167 4.062   1.000 33.673 0 220 HOH A O     1 ? 
HETATM 515 O  O     . HOH K 6 .  ? -0.524  -15.449 10.342  1.000 42.365 0 221 HOH A O     1 ? 
HETATM 516 O  O     . HOH K 6 .  ? 9.555   -20.022 7.675   1.000 25.990 0 222 HOH A O     1 ? 
HETATM 517 O  O     . HOH K 6 .  ? 0.663   5.283   6.869   1.000 15.415 0 223 HOH A O     1 ? 
HETATM 518 O  O     . HOH K 6 .  ? -3.388  -4.539  2.351   1.000 13.939 0 224 HOH A O     1 ? 
HETATM 519 O  O     . HOH K 6 .  ? 0.791   -1.764  9.855   1.000 18.521 0 225 HOH A O     1 ? 
HETATM 520 O  O     . HOH K 6 .  ? 1.246   11.670  4.600   1.000 18.948 0 226 HOH A O     1 ? 
HETATM 521 O  O     . HOH K 6 .  ? -1.739  11.405  7.026   1.000 20.925 0 227 HOH A O     1 ? 
HETATM 522 O  O     B HOH K 6 .  ? 0.122   -4.136  11.517  1.000 29.661 0 228 HOH A O     1 ? 
HETATM 523 O  O     . HOH K 6 .  ? 4.382   1.640   -1.644  1.000 27.099 0 229 HOH A O     1 ? 
HETATM 524 O  O     . HOH K 6 .  ? -5.151  -9.130  1.808   1.000 27.509 0 230 HOH A O     1 ? 
HETATM 525 O  O     . HOH K 6 .  ? 4.092   10.741  4.910   1.000 18.661 0 231 HOH A O     1 ? 
HETATM 526 O  O     B HOH K 6 .  ? -2.299  -6.707  13.960  1.000 39.457 0 232 HOH A O     1 ? 
HETATM 527 O  O     . HOH K 6 .  ? -3.155  0.799   -10.355 1.000 35.417 0 233 HOH A O     1 ? 
HETATM 528 O  O     . HOH K 6 .  ? -10.163 7.130   -11.083 1.000 27.276 0 234 HOH A O     1 ? 
HETATM 529 O  O     . HOH K 6 .  ? 3.839   6.926   2.932   1.000 25.611 0 235 HOH A O     1 ? 
HETATM 530 O  O     . HOH K 6 .  ? -1.060  -11.364 11.963  1.000 26.947 0 236 HOH A O     1 ? 
HETATM 531 O  O     . HOH K 6 .  ? 4.787   -18.787 7.942   1.000 33.875 0 237 HOH A O     1 ? 
HETATM 532 O  O     . HOH K 6 .  ? 5.277   5.344   -16.971 1.000 35.949 0 238 HOH A O     1 ? 
HETATM 533 O  O     . HOH K 6 .  ? -9.950  8.453   -16.173 1.000 34.929 0 239 HOH A O     1 ? 
HETATM 534 O  O     . HOH K 6 .  ? -4.698  -9.065  9.506   1.000 36.373 0 240 HOH A O     1 ? 
HETATM 535 O  O     . HOH K 6 .  ? 3.611   15.023  2.581   1.000 36.057 0 241 HOH A O     1 ? 
HETATM 536 O  O     . HOH K 6 .  ? -3.930  7.271   1.138   1.000 29.436 0 242 HOH A O     1 ? 
HETATM 537 O  O     . HOH K 6 .  ? 4.513   13.401  -1.376  1.000 37.592 0 243 HOH A O     1 ? 
HETATM 538 O  O     . HOH K 6 .  ? -5.644  2.744   2.581   1.000 22.756 0 244 HOH A O     1 ? 
HETATM 539 O  O     . HOH K 6 .  ? 4.205   -13.650 1.100   1.000 38.849 0 245 HOH A O     1 ? 
HETATM 540 O  O     . HOH K 6 .  ? 3.160   11.421  -5.701  1.000 42.187 0 246 HOH A O     1 ? 
HETATM 541 O  O     . HOH K 6 .  ? -5.558  -2.703  2.646   1.000 23.615 0 247 HOH A O     1 ? 
HETATM 542 O  O     . HOH K 6 .  ? 6.837   1.964   -12.982 1.000 50.887 0 248 HOH A O     1 ? 
HETATM 543 O  O     . HOH K 6 .  ? 10.987  6.841   -11.914 1.000 41.973 0 249 HOH A O     1 ? 
HETATM 544 O  O     . HOH K 6 .  ? -7.193  -13.485 8.137   1.000 50.531 0 250 HOH A O     1 ? 
HETATM 545 O  O     . HOH K 6 .  ? -7.257  -6.818  2.129   1.000 38.459 0 251 HOH A O     1 ? 
HETATM 546 O  O     . HOH K 6 .  ? -2.675  11.869  2.341   1.000 32.980 0 252 HOH A O     1 ? 
HETATM 547 O  O     . HOH K 6 .  ? -1.134  12.597  4.574   1.000 24.223 0 253 HOH A O     1 ? 
HETATM 548 O  O     . HOH K 6 .  ? 3.768   7.017   5.737   1.000 23.656 0 254 HOH A O     1 ? 
HETATM 549 O  O     . HOH K 6 .  ? -1.990  -0.749  10.047  1.000 26.403 0 255 HOH A O     1 ? 
HETATM 550 O  O     . HOH K 6 .  ? -11.966 6.349   -14.593 1.000 26.810 0 256 HOH A O     1 ? 
HETATM 551 O  O     . HOH K 6 .  ? 7.317   0.625   -5.737  1.000 46.201 0 257 HOH A O     1 ? 
HETATM 552 O  O     . HOH K 6 .  ? 0.029   3.735   9.136   1.000 21.090 0 258 HOH A O     1 ? 
HETATM 553 O  O     . HOH K 6 .  ? -0.903  -12.484 1.785   1.000 32.082 0 259 HOH A O     1 ? 
HETATM 554 O  O     . HOH K 6 .  ? -1.982  -0.173  -12.772 1.000 33.580 0 260 HOH A O     1 ? 
HETATM 555 O  O     . HOH L 6 .  ? -7.141  10.692  1.030   1.000 33.636 0 201 HOH B O     1 ? 
HETATM 556 O  O     . HOH L 6 .  ? 6.827   -9.770  -3.868  1.000 36.384 0 202 HOH B O     1 ? 
HETATM 557 O  O     B HOH L 6 .  ? 2.168   -1.562  -4.239  1.000 29.806 0 203 HOH B O     1 ? 
HETATM 558 O  O     . HOH L 6 .  ? -7.340  17.652  -4.330  1.000 33.640 0 204 HOH B O     1 ? 
HETATM 559 O  O     . HOH L 6 .  ? -9.139  14.144  -9.264  1.000 26.537 0 205 HOH B O     1 ? 
HETATM 560 O  O     . HOH L 6 .  ? 3.964   -3.381  -2.549  1.000 32.006 0 206 HOH B O     1 ? 
HETATM 561 O  O     . HOH L 6 .  ? -1.462  -0.386  -6.789  1.000 31.097 0 207 HOH B O     1 ? 
HETATM 562 O  O     . HOH L 6 .  ? 6.380   -2.484  0.794   1.000 28.418 0 208 HOH B O     1 ? 
HETATM 563 O  O     . HOH L 6 .  ? -7.242  19.310  -10.887 1.000 31.042 0 209 HOH B O     1 ? 
HETATM 564 O  O     . HOH L 6 .  ? -11.645 -1.436  0.170   1.000 42.702 0 210 HOH B O     1 ? 
HETATM 565 O  O     . HOH L 6 .  ? 15.057  -5.177  11.758  1.000 23.530 0 211 HOH B O     1 ? 
HETATM 566 O  O     . HOH L 6 .  ? -9.296  5.225   -6.989  1.000 23.299 0 212 HOH B O     1 ? 
HETATM 567 O  O     . HOH L 6 .  ? -1.339  20.463  -9.999  1.000 39.943 0 213 HOH B O     1 ? 
HETATM 568 O  O     . HOH L 6 .  ? 9.306   -1.757  8.948   1.000 35.272 0 214 HOH B O     1 ? 
HETATM 569 O  O     . HOH L 6 .  ? -9.675  13.413  -0.656  1.000 43.145 0 215 HOH B O     1 ? 
HETATM 570 O  O     . HOH L 6 .  ? -3.134  10.813  -5.345  1.000 27.167 0 216 HOH B O     1 ? 
HETATM 571 O  O     . HOH L 6 .  ? -7.042  3.303   -9.054  1.000 19.048 0 217 HOH B O     1 ? 
HETATM 572 O  O     . HOH L 6 .  ? 5.723   -5.409  -3.173  1.000 31.530 0 218 HOH B O     1 ? 
HETATM 573 O  O     . HOH L 6 .  ? 4.624   -1.247  -1.218  1.000 28.461 0 219 HOH B O     1 ? 
HETATM 574 O  O     . HOH L 6 .  ? -4.174  4.531   1.168   1.000 17.742 0 220 HOH B O     1 ? 
HETATM 575 O  O     . HOH L 6 .  ? -7.239  15.117  -10.897 1.000 22.525 0 221 HOH B O     1 ? 
HETATM 576 O  O     B HOH L 6 .  ? 9.395   -1.990  6.460   1.000 38.801 0 222 HOH B O     1 ? 
HETATM 577 O  O     . HOH L 6 .  ? 1.202   18.726  -12.962 1.000 25.236 0 223 HOH B O     1 ? 
HETATM 578 O  O     B HOH L 6 .  ? 6.002   -0.962  2.729   1.000 31.108 0 224 HOH B O     1 ? 
HETATM 579 O  O     B HOH L 6 .  ? 1.510   -7.083  13.366  1.000 33.358 0 225 HOH B O     1 ? 
HETATM 580 O  O     . HOH L 6 .  ? 4.451   -1.908  11.524  1.000 30.653 0 226 HOH B O     1 ? 
HETATM 581 O  O     . HOH L 6 .  ? -10.689 8.178   -4.703  1.000 33.734 0 227 HOH B O     1 ? 
HETATM 582 O  O     . HOH L 6 .  ? -6.157  1.166   -7.644  1.000 20.698 0 228 HOH B O     1 ? 
HETATM 583 O  O     . HOH L 6 .  ? 0.511   -10.669 15.944  1.000 33.485 0 229 HOH B O     1 ? 
HETATM 584 O  O     . HOH L 6 .  ? -10.047 9.418   -9.040  1.000 24.159 0 230 HOH B O     1 ? 
HETATM 585 O  O     . HOH L 6 .  ? -4.048  -4.483  -5.142  1.000 25.881 0 231 HOH B O     1 ? 
HETATM 586 O  O     . HOH L 6 .  ? -1.016  -7.185  -5.529  1.000 38.354 0 232 HOH B O     1 ? 
HETATM 587 O  O     . HOH L 6 .  ? 1.483   -6.597  -4.407  1.000 30.951 0 233 HOH B O     1 ? 
HETATM 588 O  O     . HOH L 6 .  ? -3.227  -7.296  1.893   1.000 20.069 0 234 HOH B O     1 ? 
HETATM 589 O  O     . HOH L 6 .  ? 2.892   -5.706  17.217  1.000 42.816 0 235 HOH B O     1 ? 
HETATM 590 O  O     . HOH L 6 .  ? -7.885  3.170   3.939   1.000 28.927 0 236 HOH B O     1 ? 
HETATM 591 O  O     . HOH L 6 .  ? -9.784  17.707  -7.108  1.000 41.319 0 237 HOH B O     1 ? 
HETATM 592 O  O     . HOH L 6 .  ? 13.562  -2.752  14.529  1.000 41.387 0 238 HOH B O     1 ? 
HETATM 593 O  O     . HOH L 6 .  ? 0.456   -10.462 2.678   1.000 24.298 0 239 HOH B O     1 ? 
HETATM 594 O  O     . HOH L 6 .  ? -4.684  12.235  -1.311  1.000 66.559 0 240 HOH B O     1 ? 
HETATM 595 O  O     . HOH L 6 .  ? 13.107  0.727   12.182  1.000 62.910 0 241 HOH B O     1 ? 
HETATM 596 O  O     . HOH L 6 .  ? 2.840   -6.746  22.196  1.000 44.961 0 242 HOH B O     1 ? 
HETATM 597 O  O     . HOH L 6 .  ? -8.919  0.014   3.774   1.000 32.704 0 243 HOH B O     1 ? 
HETATM 598 O  O     . HOH L 6 .  ? 7.836   -1.944  20.874  1.000 50.252 0 244 HOH B O     1 ? 
HETATM 599 O  O     . HOH L 6 .  ? -3.176  -12.699 -2.184  1.000 38.563 0 245 HOH B O     1 ? 
HETATM 600 O  O     . HOH L 6 .  ? -11.081 9.873   -6.329  1.000 36.123 0 246 HOH B O     1 ? 
HETATM 601 O  O     . HOH L 6 .  ? -5.046  -0.616  -9.086  1.000 34.555 0 247 HOH B O     1 ? 
HETATM 602 O  O     . HOH L 6 .  ? 17.546  -1.563  9.126   1.000 38.474 0 248 HOH B O     1 ? 
HETATM 603 O  O     . HOH L 6 .  ? -11.980 14.365  -10.573 1.000 45.980 0 249 HOH B O     1 ? 
# 
